data_6X1Z
#
_entry.id   6X1Z
#
_cell.length_a   47.260
_cell.length_b   109.440
_cell.length_c   75.650
_cell.angle_alpha   90.000
_cell.angle_beta   99.970
_cell.angle_gamma   90.000
#
_symmetry.space_group_name_H-M   'P 1 21 1'
#
loop_
_entity.id
_entity.type
_entity.pdbx_description
1 polymer 'Nuclease SbcCD subunit D'
2 non-polymer (5Z)-5-[(3,4-dimethoxyphenyl)methylidene]-2-sulfanylidene-1,3-thiazolidin-4-one
3 non-polymer 'MAGNESIUM ION'
4 non-polymer '2-(N-MORPHOLINO)-ETHANESULFONIC ACID'
5 water water
#
_entity_poly.entity_id   1
_entity_poly.type   'polypeptide(L)'
_entity_poly.pdbx_seq_one_letter_code
;MGSDKIHHHHHHVINLKELKILHTSDWHLGVTSWTSSRPVDRREELKKALDKVVEEAEKREVDLILLTGDLLHSRNNPSV
VALHDLLDYLKRMMRTAPVVVLPGNHDWKGLKLFGNFVTSISSDITFVMSFEPVDVEAKRGQKVRILPFPYPDESEALRK
NEGDFRFFLESRLNKLYEEALKKEDFAIFMGHFTVEGLAGYAGIEQGREIIINRALIPSVVDYAALGHIHSFREIQKQPL
TIYPGSLIRIDFGEEADEKGAVFVELKRGEPPRYERIDASPLPLKTLYYKKIDTSALKSIRDFCRNFPGYVRVVYEEDSG
ILPDLMGEIDNLVKIE
;
_entity_poly.pdbx_strand_id   A,B
#
# COMPACT_ATOMS: atom_id res chain seq x y z
N HIS A 8 4.96 21.36 -8.34
CA HIS A 8 3.91 21.80 -9.25
C HIS A 8 2.53 21.40 -8.74
N HIS A 9 1.72 22.41 -8.41
CA HIS A 9 0.38 22.15 -7.91
C HIS A 9 -0.66 22.88 -8.75
N HIS A 10 -1.80 23.23 -8.14
CA HIS A 10 -2.97 23.69 -8.86
C HIS A 10 -2.96 25.19 -9.08
N HIS A 11 -3.48 25.61 -10.22
CA HIS A 11 -3.70 27.03 -10.45
C HIS A 11 -4.94 27.48 -9.67
N HIS A 12 -5.11 28.78 -9.56
CA HIS A 12 -6.32 29.37 -8.98
C HIS A 12 -6.83 30.45 -9.93
N VAL A 13 -7.97 30.17 -10.54
CA VAL A 13 -8.57 31.03 -11.54
C VAL A 13 -9.82 31.63 -10.93
N ILE A 14 -9.93 32.96 -11.00
CA ILE A 14 -11.04 33.63 -10.36
C ILE A 14 -12.29 33.41 -11.21
N ASN A 15 -13.41 33.13 -10.54
CA ASN A 15 -14.71 32.98 -11.19
C ASN A 15 -14.68 31.98 -12.34
N LEU A 16 -13.98 30.86 -12.14
CA LEU A 16 -13.94 29.80 -13.16
C LEU A 16 -15.18 28.95 -12.95
N LYS A 17 -16.05 28.93 -13.95
CA LYS A 17 -17.32 28.22 -13.88
C LYS A 17 -17.34 27.03 -14.83
N GLU A 18 -16.18 26.50 -15.18
CA GLU A 18 -16.08 25.38 -16.11
C GLU A 18 -15.21 24.31 -15.46
N LEU A 19 -15.46 23.04 -15.82
CA LEU A 19 -14.67 21.92 -15.30
C LEU A 19 -14.53 20.87 -16.39
N LYS A 20 -13.29 20.48 -16.70
CA LYS A 20 -13.03 19.42 -17.68
C LYS A 20 -12.64 18.13 -16.94
N ILE A 21 -13.31 17.04 -17.29
CA ILE A 21 -13.19 15.77 -16.57
C ILE A 21 -12.75 14.70 -17.54
N LEU A 22 -11.76 13.90 -17.13
CA LEU A 22 -11.53 12.58 -17.70
C LEU A 22 -12.11 11.53 -16.74
N HIS A 23 -12.96 10.67 -17.25
CA HIS A 23 -13.56 9.60 -16.46
C HIS A 23 -13.22 8.29 -17.15
N THR A 24 -12.48 7.43 -16.46
CA THR A 24 -12.12 6.13 -17.02
C THR A 24 -12.28 5.11 -15.91
N SER A 25 -12.39 3.84 -16.29
CA SER A 25 -12.85 2.86 -15.32
C SER A 25 -12.57 1.46 -15.82
N ASP A 26 -12.68 0.47 -14.92
CA ASP A 26 -12.76 -0.93 -15.33
C ASP A 26 -11.56 -1.35 -16.17
N TRP A 27 -10.37 -0.93 -15.75
CA TRP A 27 -9.15 -1.27 -16.49
C TRP A 27 -8.86 -2.76 -16.47
N HIS A 28 -9.14 -3.44 -15.37
CA HIS A 28 -8.84 -4.85 -15.20
C HIS A 28 -7.36 -5.17 -15.39
N LEU A 29 -6.50 -4.30 -14.88
CA LEU A 29 -5.07 -4.56 -14.96
C LEU A 29 -4.73 -5.92 -14.37
N GLY A 30 -3.83 -6.63 -15.06
CA GLY A 30 -3.38 -7.95 -14.68
C GLY A 30 -4.09 -9.10 -15.35
N VAL A 31 -5.16 -8.86 -16.14
CA VAL A 31 -5.94 -9.96 -16.70
C VAL A 31 -5.14 -10.71 -17.75
N THR A 32 -5.15 -12.03 -17.65
CA THR A 32 -4.79 -12.93 -18.73
C THR A 32 -6.06 -13.65 -19.15
N SER A 33 -6.38 -13.61 -20.45
CA SER A 33 -7.65 -14.13 -20.93
C SER A 33 -7.46 -15.56 -21.40
N TRP A 34 -8.56 -16.33 -21.35
CA TRP A 34 -8.64 -17.68 -21.91
C TRP A 34 -7.56 -18.60 -21.36
N THR A 35 -7.35 -18.55 -20.04
CA THR A 35 -6.30 -19.36 -19.43
C THR A 35 -6.57 -20.85 -19.55
N SER A 36 -7.83 -21.25 -19.71
CA SER A 36 -8.15 -22.66 -19.87
C SER A 36 -7.98 -23.17 -21.29
N SER A 37 -7.74 -22.29 -22.26
CA SER A 37 -7.60 -22.76 -23.64
C SER A 37 -6.30 -22.28 -24.27
N ARG A 38 -6.12 -20.96 -24.37
CA ARG A 38 -4.87 -20.39 -24.87
C ARG A 38 -4.68 -19.06 -24.16
N PRO A 39 -3.94 -19.04 -23.05
CA PRO A 39 -3.75 -17.81 -22.28
C PRO A 39 -3.15 -16.72 -23.14
N VAL A 40 -3.78 -15.54 -23.09
CA VAL A 40 -3.30 -14.32 -23.71
C VAL A 40 -3.17 -13.26 -22.62
N ASP A 41 -1.95 -12.79 -22.39
CA ASP A 41 -1.66 -11.72 -21.46
C ASP A 41 -2.09 -10.42 -22.14
N ARG A 42 -3.09 -9.75 -21.58
CA ARG A 42 -3.68 -8.58 -22.21
C ARG A 42 -2.91 -7.29 -21.92
N ARG A 43 -1.77 -7.39 -21.23
CA ARG A 43 -1.09 -6.21 -20.71
C ARG A 43 -0.68 -5.24 -21.81
N GLU A 44 -0.07 -5.75 -22.88
CA GLU A 44 0.42 -4.86 -23.93
C GLU A 44 -0.72 -4.05 -24.54
N GLU A 45 -1.79 -4.73 -24.95
CA GLU A 45 -2.97 -4.03 -25.47
C GLU A 45 -3.53 -3.07 -24.43
N LEU A 46 -3.63 -3.51 -23.16
CA LEU A 46 -4.27 -2.63 -22.19
C LEU A 46 -3.43 -1.39 -21.93
N LYS A 47 -2.11 -1.57 -21.80
CA LYS A 47 -1.24 -0.41 -21.61
C LYS A 47 -1.26 0.50 -22.82
N LYS A 48 -1.40 -0.04 -24.02
CA LYS A 48 -1.51 0.85 -25.18
C LYS A 48 -2.75 1.73 -25.07
N ALA A 49 -3.84 1.14 -24.60
CA ALA A 49 -5.08 1.89 -24.46
C ALA A 49 -4.96 2.92 -23.35
N LEU A 50 -4.34 2.54 -22.22
CA LEU A 50 -4.13 3.49 -21.13
C LEU A 50 -3.23 4.64 -21.56
N ASP A 51 -2.15 4.33 -22.29
CA ASP A 51 -1.30 5.40 -22.80
C ASP A 51 -2.12 6.36 -23.66
N LYS A 52 -2.99 5.81 -24.51
CA LYS A 52 -3.85 6.65 -25.33
C LYS A 52 -4.74 7.54 -24.47
N VAL A 53 -5.32 6.99 -23.40
CA VAL A 53 -6.16 7.77 -22.52
C VAL A 53 -5.36 8.85 -21.80
N VAL A 54 -4.18 8.52 -21.29
CA VAL A 54 -3.34 9.50 -20.62
C VAL A 54 -3.03 10.65 -21.58
N GLU A 55 -2.63 10.32 -22.81
CA GLU A 55 -2.23 11.35 -23.76
C GLU A 55 -3.38 12.27 -24.12
N GLU A 56 -4.58 11.71 -24.31
CA GLU A 56 -5.73 12.57 -24.57
C GLU A 56 -6.01 13.49 -23.38
N ALA A 57 -5.91 12.97 -22.16
CA ALA A 57 -6.14 13.78 -20.97
C ALA A 57 -5.15 14.95 -20.91
N GLU A 58 -3.87 14.69 -21.19
CA GLU A 58 -2.89 15.77 -21.21
C GLU A 58 -3.19 16.76 -22.34
N LYS A 59 -3.59 16.26 -23.51
CA LYS A 59 -3.85 17.14 -24.65
C LYS A 59 -5.05 18.05 -24.39
N ARG A 60 -6.10 17.53 -23.77
CA ARG A 60 -7.25 18.35 -23.48
C ARG A 60 -7.07 19.15 -22.19
N GLU A 61 -5.99 18.94 -21.46
CA GLU A 61 -5.72 19.66 -20.21
C GLU A 61 -6.91 19.56 -19.24
N VAL A 62 -7.28 18.32 -18.90
CA VAL A 62 -8.42 18.13 -18.01
C VAL A 62 -8.09 18.67 -16.63
N ASP A 63 -9.14 19.04 -15.89
CA ASP A 63 -8.99 19.57 -14.54
C ASP A 63 -9.06 18.49 -13.48
N LEU A 64 -9.69 17.36 -13.78
CA LEU A 64 -10.04 16.37 -12.78
C LEU A 64 -10.12 15.02 -13.46
N ILE A 65 -9.64 13.97 -12.80
CA ILE A 65 -9.65 12.62 -13.37
C ILE A 65 -10.42 11.71 -12.42
N LEU A 66 -11.42 11.01 -12.93
CA LEU A 66 -12.24 10.16 -12.09
C LEU A 66 -12.01 8.71 -12.48
N LEU A 67 -11.71 7.87 -11.48
CA LEU A 67 -11.52 6.44 -11.68
C LEU A 67 -12.57 5.71 -10.86
N THR A 68 -13.37 4.82 -11.49
CA THR A 68 -14.53 4.25 -10.78
C THR A 68 -14.49 2.72 -10.65
N GLY A 69 -13.31 2.15 -10.50
CA GLY A 69 -13.15 0.84 -9.87
C GLY A 69 -12.97 -0.29 -10.85
N ASP A 70 -12.72 -1.48 -10.29
CA ASP A 70 -12.29 -2.64 -11.08
C ASP A 70 -11.07 -2.29 -11.92
N LEU A 71 -10.18 -1.51 -11.34
CA LEU A 71 -8.92 -1.20 -12.01
C LEU A 71 -7.98 -2.39 -12.02
N LEU A 72 -8.22 -3.38 -11.18
CA LEU A 72 -7.44 -4.61 -11.17
C LEU A 72 -8.37 -5.77 -11.48
N HIS A 73 -7.88 -6.74 -12.25
CA HIS A 73 -8.74 -7.87 -12.62
C HIS A 73 -8.98 -8.79 -11.44
N SER A 74 -7.95 -9.08 -10.65
CA SER A 74 -8.08 -10.04 -9.57
C SER A 74 -8.64 -9.35 -8.32
N ARG A 75 -9.72 -9.91 -7.77
CA ARG A 75 -10.19 -9.44 -6.48
C ARG A 75 -9.25 -9.83 -5.35
N ASN A 76 -8.47 -10.89 -5.54
CA ASN A 76 -7.46 -11.35 -4.59
C ASN A 76 -6.19 -10.54 -4.76
N ASN A 77 -5.11 -11.00 -4.16
CA ASN A 77 -3.83 -10.32 -4.30
C ASN A 77 -3.44 -10.22 -5.78
N PRO A 78 -3.34 -9.02 -6.34
CA PRO A 78 -2.89 -8.91 -7.73
C PRO A 78 -1.41 -9.23 -7.83
N SER A 79 -1.00 -9.56 -9.04
CA SER A 79 0.42 -9.80 -9.29
C SER A 79 1.21 -8.53 -9.00
N VAL A 80 2.50 -8.71 -8.77
CA VAL A 80 3.39 -7.56 -8.64
C VAL A 80 3.31 -6.68 -9.88
N VAL A 81 3.28 -7.29 -11.07
CA VAL A 81 3.30 -6.48 -12.28
C VAL A 81 2.01 -5.70 -12.43
N ALA A 82 0.87 -6.29 -12.03
CA ALA A 82 -0.40 -5.58 -12.11
C ALA A 82 -0.42 -4.39 -11.16
N LEU A 83 0.04 -4.60 -9.93
CA LEU A 83 0.09 -3.50 -8.97
C LEU A 83 1.06 -2.43 -9.43
N HIS A 84 2.21 -2.84 -9.99
CA HIS A 84 3.16 -1.86 -10.53
C HIS A 84 2.50 -1.00 -11.61
N ASP A 85 1.80 -1.62 -12.54
CA ASP A 85 1.11 -0.87 -13.60
C ASP A 85 0.06 0.06 -13.00
N LEU A 86 -0.72 -0.43 -12.03
CA LEU A 86 -1.78 0.40 -11.49
C LEU A 86 -1.21 1.67 -10.88
N LEU A 87 -0.21 1.51 -10.03
CA LEU A 87 0.45 2.65 -9.39
C LEU A 87 1.18 3.53 -10.38
N ASP A 88 1.77 2.93 -11.42
CA ASP A 88 2.44 3.68 -12.49
C ASP A 88 1.45 4.63 -13.15
N TYR A 89 0.30 4.12 -13.57
CA TYR A 89 -0.66 4.96 -14.25
C TYR A 89 -1.34 5.93 -13.29
N LEU A 90 -1.48 5.57 -12.01
CA LEU A 90 -1.98 6.57 -11.06
C LEU A 90 -1.05 7.76 -11.04
N LYS A 91 0.27 7.50 -10.99
CA LYS A 91 1.24 8.59 -10.98
C LYS A 91 1.17 9.44 -12.25
N ARG A 92 1.07 8.79 -13.41
CA ARG A 92 0.96 9.52 -14.66
C ARG A 92 -0.30 10.38 -14.69
N MET A 93 -1.39 9.87 -14.13
CA MET A 93 -2.61 10.67 -14.13
C MET A 93 -2.51 11.82 -13.15
N MET A 94 -1.94 11.57 -11.96
CA MET A 94 -1.73 12.64 -10.98
C MET A 94 -0.86 13.75 -11.56
N ARG A 95 0.09 13.42 -12.43
CA ARG A 95 0.92 14.45 -13.05
C ARG A 95 0.11 15.36 -13.97
N THR A 96 -0.99 14.86 -14.51
CA THR A 96 -1.84 15.62 -15.42
C THR A 96 -2.85 16.46 -14.65
N ALA A 97 -3.57 15.85 -13.72
CA ALA A 97 -4.61 16.54 -12.97
C ALA A 97 -4.89 15.76 -11.70
N PRO A 98 -5.46 16.40 -10.69
CA PRO A 98 -5.91 15.68 -9.51
C PRO A 98 -6.80 14.50 -9.88
N VAL A 99 -6.65 13.42 -9.13
CA VAL A 99 -7.32 12.16 -9.38
C VAL A 99 -8.22 11.86 -8.20
N VAL A 100 -9.43 11.36 -8.47
CA VAL A 100 -10.31 10.83 -7.44
C VAL A 100 -10.55 9.36 -7.77
N VAL A 101 -10.36 8.48 -6.78
CA VAL A 101 -10.42 7.03 -7.00
C VAL A 101 -11.53 6.43 -6.14
N LEU A 102 -12.52 5.83 -6.80
CA LEU A 102 -13.54 5.01 -6.13
C LEU A 102 -13.23 3.58 -6.50
N PRO A 103 -12.56 2.81 -5.64
CA PRO A 103 -12.20 1.44 -6.03
C PRO A 103 -13.43 0.54 -6.10
N GLY A 104 -13.26 -0.55 -6.85
CA GLY A 104 -14.25 -1.62 -6.90
C GLY A 104 -14.23 -2.45 -5.62
N ASN A 105 -14.87 -3.62 -5.71
CA ASN A 105 -15.07 -4.47 -4.53
C ASN A 105 -13.86 -5.39 -4.33
N HIS A 106 -12.69 -4.78 -4.10
CA HIS A 106 -11.50 -5.59 -3.91
C HIS A 106 -11.47 -6.19 -2.51
N ASP A 107 -10.77 -7.33 -2.36
CA ASP A 107 -10.73 -8.04 -1.08
C ASP A 107 -9.67 -7.52 -0.12
N TRP A 108 -8.65 -6.83 -0.61
CA TRP A 108 -7.54 -6.41 0.25
C TRP A 108 -8.06 -5.56 1.41
N LYS A 109 -7.90 -6.07 2.64
CA LYS A 109 -8.38 -5.35 3.81
C LYS A 109 -7.56 -4.11 4.12
N GLY A 110 -6.34 -4.01 3.60
CA GLY A 110 -5.57 -2.80 3.80
C GLY A 110 -5.88 -1.70 2.83
N LEU A 111 -6.77 -1.92 1.86
CA LEU A 111 -6.98 -0.92 0.82
C LEU A 111 -7.47 0.39 1.40
N LYS A 112 -8.41 0.33 2.34
CA LYS A 112 -8.88 1.57 2.93
C LYS A 112 -7.75 2.31 3.64
N LEU A 113 -6.82 1.57 4.26
CA LEU A 113 -5.71 2.18 4.98
C LEU A 113 -4.74 2.86 4.04
N PHE A 114 -4.34 2.16 2.98
CA PHE A 114 -3.53 2.74 1.92
C PHE A 114 -4.21 3.97 1.33
N GLY A 115 -5.50 3.84 0.99
CA GLY A 115 -6.21 4.97 0.42
C GLY A 115 -6.22 6.17 1.35
N ASN A 116 -6.47 5.94 2.64
CA ASN A 116 -6.43 7.05 3.59
C ASN A 116 -5.05 7.67 3.65
N PHE A 117 -4.00 6.84 3.67
CA PHE A 117 -2.64 7.33 3.80
C PHE A 117 -2.25 8.21 2.63
N VAL A 118 -2.44 7.73 1.39
CA VAL A 118 -2.00 8.51 0.23
C VAL A 118 -2.88 9.73 0.03
N THR A 119 -4.16 9.63 0.36
CA THR A 119 -5.01 10.81 0.34
C THR A 119 -4.47 11.89 1.28
N SER A 120 -3.97 11.49 2.46
CA SER A 120 -3.46 12.44 3.45
C SER A 120 -2.16 13.12 3.01
N ILE A 121 -1.34 12.44 2.21
CA ILE A 121 0.01 12.95 1.96
C ILE A 121 0.14 13.64 0.62
N SER A 122 -0.91 13.66 -0.20
CA SER A 122 -0.85 14.27 -1.52
C SER A 122 -2.15 15.02 -1.79
N SER A 123 -2.04 16.25 -2.30
CA SER A 123 -3.21 17.00 -2.74
C SER A 123 -3.63 16.66 -4.16
N ASP A 124 -3.04 15.65 -4.77
CA ASP A 124 -3.40 15.30 -6.13
C ASP A 124 -4.05 13.93 -6.23
N ILE A 125 -4.35 13.27 -5.12
CA ILE A 125 -5.13 12.04 -5.20
C ILE A 125 -6.05 11.95 -4.00
N THR A 126 -7.24 11.40 -4.23
CA THR A 126 -8.25 11.21 -3.20
C THR A 126 -8.87 9.85 -3.44
N PHE A 127 -8.88 9.01 -2.42
CA PHE A 127 -9.58 7.73 -2.43
C PHE A 127 -10.89 7.92 -1.67
N VAL A 128 -12.00 7.56 -2.31
CA VAL A 128 -13.30 7.54 -1.63
C VAL A 128 -13.71 6.08 -1.48
N MET A 129 -13.85 5.63 -0.23
CA MET A 129 -14.13 4.24 0.05
C MET A 129 -15.24 4.10 1.09
N SER A 130 -16.10 5.11 1.18
CA SER A 130 -17.26 5.09 2.04
C SER A 130 -18.33 5.94 1.39
N PHE A 131 -19.47 6.11 2.07
CA PHE A 131 -20.51 6.97 1.54
C PHE A 131 -20.34 8.42 1.98
N GLU A 132 -19.23 8.74 2.59
CA GLU A 132 -19.03 10.08 3.11
C GLU A 132 -18.58 11.00 2.00
N PRO A 133 -19.22 12.16 1.83
CA PRO A 133 -18.79 13.10 0.78
C PRO A 133 -17.44 13.72 1.10
N VAL A 134 -16.72 14.06 0.03
CA VAL A 134 -15.40 14.67 0.14
C VAL A 134 -15.35 15.86 -0.80
N ASP A 135 -14.84 16.98 -0.32
CA ASP A 135 -14.61 18.16 -1.15
C ASP A 135 -13.18 18.11 -1.65
N VAL A 136 -13.00 18.19 -2.97
CA VAL A 136 -11.67 18.17 -3.56
C VAL A 136 -11.50 19.41 -4.44
N GLU A 137 -10.25 19.70 -4.76
CA GLU A 137 -9.89 20.85 -5.58
C GLU A 137 -9.33 20.35 -6.90
N ALA A 138 -9.88 20.85 -8.00
CA ALA A 138 -9.44 20.44 -9.32
C ALA A 138 -8.24 21.28 -9.77
N LYS A 139 -7.75 21.02 -10.98
CA LYS A 139 -6.46 21.56 -11.42
C LYS A 139 -6.44 23.08 -11.45
N ARG A 140 -7.58 23.70 -11.79
CA ARG A 140 -7.64 25.14 -11.83
C ARG A 140 -8.35 25.72 -10.61
N GLY A 141 -8.41 24.97 -9.51
CA GLY A 141 -8.94 25.53 -8.29
C GLY A 141 -10.42 25.32 -8.07
N GLN A 142 -11.13 24.72 -9.03
CA GLN A 142 -12.55 24.49 -8.85
C GLN A 142 -12.81 23.56 -7.67
N LYS A 143 -13.80 23.92 -6.86
CA LYS A 143 -14.18 23.10 -5.72
C LYS A 143 -15.26 22.12 -6.16
N VAL A 144 -15.00 20.84 -5.96
CA VAL A 144 -15.84 19.74 -6.44
C VAL A 144 -16.22 18.89 -5.25
N ARG A 145 -17.53 18.78 -4.98
CA ARG A 145 -18.04 17.92 -3.93
C ARG A 145 -18.27 16.52 -4.51
N ILE A 146 -17.54 15.53 -4.01
CA ILE A 146 -17.65 14.15 -4.49
C ILE A 146 -18.71 13.45 -3.66
N LEU A 147 -19.69 12.85 -4.34
CA LEU A 147 -20.72 12.09 -3.64
C LEU A 147 -20.50 10.62 -3.97
N PRO A 148 -19.80 9.84 -3.10
CA PRO A 148 -19.39 8.48 -3.48
C PRO A 148 -20.32 7.38 -2.99
N PHE A 149 -20.40 6.32 -3.79
CA PHE A 149 -21.27 5.19 -3.53
C PHE A 149 -20.54 3.91 -3.90
N PRO A 150 -19.71 3.40 -3.00
CA PRO A 150 -18.95 2.18 -3.28
C PRO A 150 -19.81 0.95 -3.06
N TYR A 151 -19.25 -0.21 -3.36
CA TYR A 151 -19.92 -1.45 -2.95
C TYR A 151 -20.02 -1.45 -1.44
N PRO A 152 -21.20 -1.72 -0.88
CA PRO A 152 -21.34 -1.71 0.59
C PRO A 152 -20.37 -2.67 1.27
N ASP A 153 -19.78 -2.22 2.38
CA ASP A 153 -18.68 -2.89 3.05
C ASP A 153 -19.14 -4.16 3.76
N GLU A 154 -19.59 -5.13 2.98
CA GLU A 154 -20.20 -6.36 3.46
C GLU A 154 -21.47 -6.11 4.26
N SER A 155 -21.87 -4.85 4.40
CA SER A 155 -23.26 -4.56 4.69
C SER A 155 -24.16 -5.24 3.67
N GLU A 156 -23.61 -5.49 2.48
CA GLU A 156 -24.28 -6.33 1.49
C GLU A 156 -24.46 -7.76 1.99
N ALA A 157 -23.40 -8.36 2.52
CA ALA A 157 -23.52 -9.70 3.09
C ALA A 157 -24.12 -9.69 4.49
N LEU A 158 -23.90 -8.62 5.25
CA LEU A 158 -24.39 -8.54 6.63
C LEU A 158 -25.90 -8.35 6.74
N ARG A 159 -26.60 -8.45 5.62
CA ARG A 159 -28.03 -8.24 5.55
C ARG A 159 -28.69 -9.55 5.14
N LYS A 160 -29.68 -9.98 5.90
CA LYS A 160 -30.55 -11.09 5.55
C LYS A 160 -31.70 -10.65 4.65
N ASN A 161 -32.18 -9.43 4.82
CA ASN A 161 -33.43 -8.98 4.23
C ASN A 161 -33.17 -8.15 2.98
N GLU A 162 -33.85 -8.52 1.89
CA GLU A 162 -33.77 -7.76 0.66
C GLU A 162 -34.40 -6.38 0.82
N GLY A 163 -35.50 -6.30 1.58
CA GLY A 163 -36.15 -5.02 1.80
C GLY A 163 -35.31 -4.07 2.63
N ASP A 164 -34.71 -4.56 3.72
CA ASP A 164 -33.88 -3.70 4.56
C ASP A 164 -32.62 -3.24 3.82
N PHE A 165 -32.05 -4.11 2.99
CA PHE A 165 -30.86 -3.74 2.25
C PHE A 165 -31.17 -2.68 1.20
N ARG A 166 -32.26 -2.86 0.47
CA ARG A 166 -32.65 -1.86 -0.51
C ARG A 166 -32.98 -0.54 0.17
N PHE A 167 -33.63 -0.58 1.34
CA PHE A 167 -33.87 0.66 2.07
C PHE A 167 -32.56 1.29 2.53
N PHE A 168 -31.60 0.47 2.98
CA PHE A 168 -30.29 0.99 3.34
C PHE A 168 -29.64 1.75 2.19
N LEU A 169 -29.65 1.13 0.99
CA LEU A 169 -29.04 1.77 -0.17
C LEU A 169 -29.76 3.05 -0.54
N GLU A 170 -31.09 3.05 -0.43
CA GLU A 170 -31.80 4.26 -0.81
C GLU A 170 -31.53 5.37 0.18
N SER A 171 -31.44 5.04 1.46
CA SER A 171 -31.14 6.04 2.47
C SER A 171 -29.75 6.63 2.27
N ARG A 172 -28.78 5.81 1.85
CA ARG A 172 -27.48 6.37 1.49
C ARG A 172 -27.61 7.29 0.28
N LEU A 173 -28.46 6.93 -0.69
CA LEU A 173 -28.63 7.82 -1.84
C LEU A 173 -29.28 9.13 -1.43
N ASN A 174 -30.29 9.08 -0.55
CA ASN A 174 -30.94 10.29 -0.07
C ASN A 174 -29.96 11.21 0.65
N LYS A 175 -29.08 10.63 1.48
CA LYS A 175 -28.09 11.42 2.18
C LYS A 175 -27.14 12.10 1.20
N LEU A 176 -26.71 11.36 0.17
CA LEU A 176 -25.86 11.97 -0.85
C LEU A 176 -26.57 13.09 -1.60
N TYR A 177 -27.89 12.95 -1.81
CA TYR A 177 -28.67 14.02 -2.42
C TYR A 177 -28.61 15.27 -1.56
N GLU A 178 -28.87 15.12 -0.25
CA GLU A 178 -28.81 16.26 0.65
C GLU A 178 -27.43 16.91 0.64
N GLU A 179 -26.37 16.10 0.70
CA GLU A 179 -25.03 16.66 0.67
C GLU A 179 -24.74 17.38 -0.65
N ALA A 180 -25.28 16.85 -1.75
CA ALA A 180 -25.07 17.51 -3.04
C ALA A 180 -25.70 18.89 -3.08
N LEU A 181 -26.77 19.11 -2.30
CA LEU A 181 -27.39 20.44 -2.25
C LEU A 181 -26.48 21.46 -1.57
N LYS A 182 -25.64 21.02 -0.63
CA LYS A 182 -24.66 21.86 0.04
C LYS A 182 -23.45 22.14 -0.82
N LYS A 183 -23.56 21.93 -2.13
CA LYS A 183 -22.51 22.13 -3.11
C LYS A 183 -21.89 23.53 -3.03
N GLU A 184 -20.66 23.68 -3.50
CA GLU A 184 -20.06 25.00 -3.68
C GLU A 184 -20.01 25.38 -5.16
N ASP A 185 -19.18 24.70 -5.96
CA ASP A 185 -19.15 24.94 -7.39
C ASP A 185 -19.77 23.77 -8.15
N PHE A 186 -19.19 22.57 -8.02
CA PHE A 186 -19.64 21.39 -8.74
C PHE A 186 -19.87 20.23 -7.79
N ALA A 187 -20.81 19.36 -8.15
CA ALA A 187 -21.07 18.13 -7.41
C ALA A 187 -21.02 16.96 -8.38
N ILE A 188 -20.26 15.93 -8.02
CA ILE A 188 -20.07 14.77 -8.89
C ILE A 188 -20.36 13.51 -8.09
N PHE A 189 -21.31 12.72 -8.58
CA PHE A 189 -21.60 11.41 -8.03
C PHE A 189 -20.63 10.38 -8.61
N MET A 190 -20.12 9.50 -7.75
CA MET A 190 -19.30 8.38 -8.19
C MET A 190 -19.87 7.11 -7.59
N GLY A 191 -20.19 6.15 -8.45
CA GLY A 191 -20.83 4.93 -8.02
C GLY A 191 -20.18 3.72 -8.66
N HIS A 192 -20.17 2.63 -7.91
CA HIS A 192 -19.66 1.35 -8.40
C HIS A 192 -20.76 0.32 -8.19
N PHE A 193 -21.58 0.09 -9.21
CA PHE A 193 -22.72 -0.81 -9.08
C PHE A 193 -23.32 -1.03 -10.46
N THR A 194 -24.38 -1.84 -10.51
CA THR A 194 -25.10 -2.17 -11.73
C THR A 194 -26.43 -1.46 -11.72
N VAL A 195 -26.64 -0.59 -12.72
CA VAL A 195 -27.92 0.07 -12.90
C VAL A 195 -28.97 -0.97 -13.26
N GLU A 196 -30.17 -0.79 -12.71
CA GLU A 196 -31.26 -1.73 -12.93
C GLU A 196 -31.72 -1.68 -14.38
N GLY A 197 -32.05 -2.86 -14.91
CA GLY A 197 -32.64 -2.99 -16.22
C GLY A 197 -31.74 -2.54 -17.34
N LEU A 198 -30.44 -2.86 -17.26
CA LEU A 198 -29.49 -2.45 -18.29
C LEU A 198 -29.79 -3.19 -19.59
N ALA A 199 -30.02 -2.42 -20.66
CA ALA A 199 -30.33 -2.98 -21.97
C ALA A 199 -29.21 -3.92 -22.43
N GLY A 200 -29.51 -5.21 -22.48
CA GLY A 200 -28.56 -6.16 -23.04
C GLY A 200 -27.36 -6.46 -22.16
N TYR A 201 -27.56 -6.55 -20.86
CA TYR A 201 -26.50 -6.90 -19.92
C TYR A 201 -26.65 -8.37 -19.53
N ALA A 202 -25.56 -9.12 -19.66
CA ALA A 202 -25.60 -10.53 -19.32
C ALA A 202 -26.04 -10.73 -17.88
N GLY A 203 -25.68 -9.79 -17.01
CA GLY A 203 -25.97 -9.94 -15.60
C GLY A 203 -24.98 -10.82 -14.91
N ILE A 204 -24.10 -11.49 -15.67
CA ILE A 204 -23.15 -12.44 -15.14
C ILE A 204 -23.93 -13.49 -14.36
N GLU A 205 -25.06 -13.96 -14.92
CA GLU A 205 -25.91 -14.98 -14.30
C GLU A 205 -26.29 -14.54 -12.88
N GLN A 206 -26.77 -13.31 -12.79
CA GLN A 206 -26.55 -12.41 -11.64
C GLN A 206 -26.80 -13.05 -10.28
N GLY A 207 -25.86 -12.75 -9.38
CA GLY A 207 -25.81 -13.12 -7.98
C GLY A 207 -24.72 -12.26 -7.36
N ARG A 208 -25.02 -11.56 -6.27
CA ARG A 208 -24.09 -10.74 -5.50
C ARG A 208 -23.78 -9.38 -6.13
N GLU A 209 -24.62 -8.91 -7.04
CA GLU A 209 -24.46 -7.58 -7.60
C GLU A 209 -25.26 -6.59 -6.76
N ILE A 210 -24.89 -5.31 -6.87
CA ILE A 210 -25.67 -4.23 -6.29
C ILE A 210 -26.44 -3.60 -7.43
N ILE A 211 -27.77 -3.68 -7.38
CA ILE A 211 -28.60 -3.16 -8.46
C ILE A 211 -29.31 -1.92 -7.95
N ILE A 212 -29.10 -0.81 -8.65
CA ILE A 212 -29.62 0.50 -8.27
C ILE A 212 -30.46 1.03 -9.43
N ASN A 213 -31.65 1.51 -9.11
CA ASN A 213 -32.49 2.20 -10.08
C ASN A 213 -31.87 3.55 -10.43
N ARG A 214 -31.73 3.83 -11.73
CA ARG A 214 -31.03 5.03 -12.17
C ARG A 214 -31.75 6.30 -11.74
N ALA A 215 -33.05 6.23 -11.52
CA ALA A 215 -33.79 7.40 -11.08
C ALA A 215 -33.42 7.79 -9.65
N LEU A 216 -32.80 6.88 -8.89
CA LEU A 216 -32.39 7.16 -7.52
C LEU A 216 -31.02 7.83 -7.44
N ILE A 217 -30.28 7.89 -8.53
CA ILE A 217 -29.03 8.66 -8.53
C ILE A 217 -29.39 10.14 -8.36
N PRO A 218 -28.79 10.86 -7.37
CA PRO A 218 -29.19 12.25 -7.08
C PRO A 218 -29.20 13.15 -8.30
N SER A 219 -30.37 13.71 -8.63
CA SER A 219 -30.54 14.49 -9.84
C SER A 219 -29.86 15.85 -9.77
N VAL A 220 -29.44 16.30 -8.58
CA VAL A 220 -28.85 17.61 -8.42
C VAL A 220 -27.32 17.60 -8.61
N VAL A 221 -26.74 16.44 -9.01
CA VAL A 221 -25.30 16.41 -9.28
C VAL A 221 -25.06 16.84 -10.72
N ASP A 222 -23.88 17.38 -10.99
CA ASP A 222 -23.55 17.83 -12.34
C ASP A 222 -23.15 16.70 -13.25
N TYR A 223 -22.70 15.58 -12.71
CA TYR A 223 -22.30 14.42 -13.48
C TYR A 223 -22.30 13.24 -12.52
N ALA A 224 -22.73 12.09 -12.99
CA ALA A 224 -22.73 10.85 -12.22
C ALA A 224 -21.81 9.85 -12.94
N ALA A 225 -20.62 9.65 -12.36
CA ALA A 225 -19.59 8.79 -12.91
C ALA A 225 -19.76 7.39 -12.34
N LEU A 226 -20.11 6.42 -13.20
CA LEU A 226 -20.32 5.05 -12.77
C LEU A 226 -19.22 4.16 -13.32
N GLY A 227 -18.92 3.11 -12.56
CA GLY A 227 -18.09 2.02 -13.05
C GLY A 227 -18.70 0.70 -12.64
N HIS A 228 -18.15 -0.36 -13.24
CA HIS A 228 -18.35 -1.78 -12.97
C HIS A 228 -18.81 -2.48 -14.24
N ILE A 229 -19.44 -1.75 -15.17
CA ILE A 229 -19.97 -2.29 -16.41
C ILE A 229 -18.94 -2.12 -17.52
N HIS A 230 -18.73 -3.18 -18.31
CA HIS A 230 -17.61 -3.20 -19.25
C HIS A 230 -17.90 -2.47 -20.55
N SER A 231 -19.13 -2.05 -20.83
CA SER A 231 -19.46 -1.40 -22.07
C SER A 231 -19.80 0.07 -21.82
N PHE A 232 -19.40 0.93 -22.74
CA PHE A 232 -19.81 2.32 -22.63
C PHE A 232 -21.33 2.39 -22.65
N ARG A 233 -21.90 3.16 -21.74
CA ARG A 233 -23.35 3.34 -21.69
C ARG A 233 -23.62 4.76 -21.22
N GLU A 234 -24.38 5.52 -21.99
CA GLU A 234 -24.97 6.76 -21.49
C GLU A 234 -26.30 6.38 -20.82
N ILE A 235 -26.33 6.40 -19.49
CA ILE A 235 -27.48 5.89 -18.78
C ILE A 235 -28.65 6.87 -18.82
N GLN A 236 -28.39 8.18 -18.74
CA GLN A 236 -29.44 9.19 -18.75
C GLN A 236 -28.77 10.54 -18.90
N LYS A 237 -29.57 11.57 -19.21
CA LYS A 237 -28.98 12.90 -19.46
C LYS A 237 -29.12 13.86 -18.29
N GLN A 238 -30.04 13.62 -17.36
CA GLN A 238 -30.23 14.49 -16.20
C GLN A 238 -30.49 13.63 -14.97
N PRO A 239 -29.47 13.44 -14.12
CA PRO A 239 -28.15 14.00 -14.37
C PRO A 239 -27.37 13.16 -15.39
N LEU A 240 -26.47 13.77 -16.15
CA LEU A 240 -25.67 12.99 -17.10
C LEU A 240 -24.98 11.86 -16.35
N THR A 241 -25.28 10.63 -16.74
CA THR A 241 -24.82 9.43 -16.04
C THR A 241 -24.19 8.49 -17.05
N ILE A 242 -22.93 8.11 -16.84
CA ILE A 242 -22.16 7.37 -17.84
C ILE A 242 -21.36 6.26 -17.20
N TYR A 243 -21.40 5.06 -17.81
CA TYR A 243 -20.33 4.10 -17.64
C TYR A 243 -19.32 4.27 -18.77
N PRO A 244 -18.03 4.47 -18.50
CA PRO A 244 -17.08 4.60 -19.63
C PRO A 244 -16.90 3.31 -20.39
N GLY A 245 -17.04 2.18 -19.72
CA GLY A 245 -16.67 0.89 -20.27
C GLY A 245 -15.26 0.51 -19.89
N SER A 246 -14.91 -0.73 -20.22
CA SER A 246 -13.54 -1.15 -20.10
C SER A 246 -12.76 -0.62 -21.29
N LEU A 247 -11.46 -0.82 -21.25
CA LEU A 247 -10.51 -0.41 -22.28
C LEU A 247 -10.15 -1.52 -23.24
N ILE A 248 -10.43 -2.76 -22.90
CA ILE A 248 -10.19 -3.89 -23.79
C ILE A 248 -11.43 -4.76 -23.76
N ARG A 249 -11.53 -5.63 -24.75
CA ARG A 249 -12.61 -6.61 -24.80
C ARG A 249 -12.17 -7.81 -23.97
N ILE A 250 -12.74 -7.94 -22.76
CA ILE A 250 -12.18 -8.86 -21.79
C ILE A 250 -12.45 -10.30 -22.18
N ASP A 251 -13.64 -10.59 -22.71
CA ASP A 251 -13.96 -11.95 -23.13
C ASP A 251 -15.06 -11.90 -24.20
N PHE A 252 -15.26 -13.03 -24.85
CA PHE A 252 -16.33 -13.10 -25.85
C PHE A 252 -17.65 -12.82 -25.17
N GLY A 253 -18.54 -12.17 -25.90
CA GLY A 253 -19.69 -11.48 -25.34
C GLY A 253 -19.54 -9.99 -25.42
N GLU A 254 -18.29 -9.50 -25.44
CA GLU A 254 -18.00 -8.08 -25.55
C GLU A 254 -17.59 -7.68 -26.96
N GLU A 255 -18.00 -8.44 -27.96
CA GLU A 255 -17.63 -8.15 -29.35
C GLU A 255 -18.15 -6.80 -29.81
N ALA A 256 -19.37 -6.43 -29.39
CA ALA A 256 -20.06 -5.26 -29.90
C ALA A 256 -20.01 -4.05 -28.97
N ASP A 257 -19.47 -4.20 -27.76
CA ASP A 257 -19.29 -3.09 -26.83
C ASP A 257 -18.48 -1.98 -27.46
N GLU A 258 -18.74 -0.75 -27.03
CA GLU A 258 -17.80 0.35 -27.18
C GLU A 258 -16.89 0.40 -25.97
N LYS A 259 -15.59 0.59 -26.22
CA LYS A 259 -14.58 0.58 -25.18
C LYS A 259 -13.80 1.89 -25.18
N GLY A 260 -13.64 2.48 -24.02
CA GLY A 260 -12.74 3.61 -23.90
C GLY A 260 -13.02 4.37 -22.62
N ALA A 261 -12.73 5.66 -22.67
CA ALA A 261 -13.00 6.59 -21.57
C ALA A 261 -13.91 7.70 -22.07
N VAL A 262 -14.18 8.69 -21.20
CA VAL A 262 -15.03 9.81 -21.60
C VAL A 262 -14.42 11.12 -21.11
N PHE A 263 -14.54 12.15 -21.94
CA PHE A 263 -14.17 13.50 -21.59
C PHE A 263 -15.48 14.24 -21.37
N VAL A 264 -15.65 14.85 -20.18
CA VAL A 264 -16.87 15.57 -19.83
C VAL A 264 -16.51 17.03 -19.57
N GLU A 265 -17.33 17.94 -20.07
CA GLU A 265 -17.13 19.37 -19.81
C GLU A 265 -18.38 19.91 -19.14
N LEU A 266 -18.18 20.49 -17.94
CA LEU A 266 -19.27 21.09 -17.18
C LEU A 266 -19.11 22.59 -17.23
N LYS A 267 -20.22 23.30 -17.41
CA LYS A 267 -20.24 24.76 -17.38
C LYS A 267 -21.48 25.22 -16.66
N ARG A 268 -21.30 26.07 -15.65
CA ARG A 268 -22.45 26.57 -14.90
C ARG A 268 -23.48 27.18 -15.81
N GLY A 269 -24.74 26.89 -15.50
CA GLY A 269 -25.85 27.38 -16.28
C GLY A 269 -25.99 26.77 -17.65
N GLU A 270 -25.23 25.72 -17.96
CA GLU A 270 -25.31 25.10 -19.27
C GLU A 270 -25.37 23.60 -19.11
N PRO A 271 -25.97 22.89 -20.07
CA PRO A 271 -25.99 21.43 -19.98
C PRO A 271 -24.60 20.85 -20.14
N PRO A 272 -24.32 19.73 -19.50
CA PRO A 272 -23.01 19.13 -19.64
C PRO A 272 -22.86 18.53 -21.04
N ARG A 273 -21.63 18.55 -21.54
CA ARG A 273 -21.29 17.94 -22.82
C ARG A 273 -20.16 16.94 -22.62
N TYR A 274 -20.13 15.90 -23.44
CA TYR A 274 -19.07 14.91 -23.30
C TYR A 274 -18.69 14.38 -24.68
N GLU A 275 -17.47 13.86 -24.77
CA GLU A 275 -17.03 13.09 -25.93
C GLU A 275 -16.47 11.76 -25.44
N ARG A 276 -16.65 10.71 -26.22
CA ARG A 276 -15.97 9.46 -25.92
C ARG A 276 -14.53 9.55 -26.37
N ILE A 277 -13.63 8.91 -25.62
CA ILE A 277 -12.25 8.69 -26.01
C ILE A 277 -12.15 7.20 -26.30
N ASP A 278 -12.21 6.83 -27.57
CA ASP A 278 -12.26 5.43 -27.90
C ASP A 278 -10.90 4.78 -27.71
N ALA A 279 -10.90 3.54 -27.19
CA ALA A 279 -9.65 2.82 -26.91
C ALA A 279 -9.08 2.10 -28.12
N SER A 280 -9.82 2.03 -29.23
CA SER A 280 -9.45 1.26 -30.40
C SER A 280 -9.04 -0.17 -30.04
N PRO A 281 -9.88 -0.89 -29.29
CA PRO A 281 -9.48 -2.22 -28.81
C PRO A 281 -9.36 -3.20 -29.95
N LEU A 282 -8.59 -4.26 -29.71
CA LEU A 282 -8.58 -5.37 -30.64
C LEU A 282 -9.97 -5.99 -30.67
N PRO A 283 -10.45 -6.42 -31.85
CA PRO A 283 -11.79 -6.99 -31.95
C PRO A 283 -11.82 -8.46 -31.54
N LEU A 284 -13.01 -8.95 -31.25
CA LEU A 284 -13.25 -10.35 -30.98
C LEU A 284 -14.28 -10.88 -31.97
N LYS A 285 -14.18 -12.17 -32.27
CA LYS A 285 -15.17 -12.79 -33.15
C LYS A 285 -15.40 -14.21 -32.68
N THR A 286 -16.67 -14.59 -32.59
CA THR A 286 -17.04 -15.99 -32.40
C THR A 286 -17.55 -16.51 -33.73
N LEU A 287 -16.95 -17.59 -34.20
CA LEU A 287 -17.36 -18.26 -35.43
C LEU A 287 -18.17 -19.48 -35.02
N TYR A 288 -19.34 -19.66 -35.65
CA TYR A 288 -20.28 -20.72 -35.29
C TYR A 288 -20.45 -21.66 -36.49
N TYR A 289 -20.37 -22.96 -36.24
CA TYR A 289 -20.54 -23.96 -37.29
C TYR A 289 -21.35 -25.14 -36.76
N LYS A 290 -22.10 -25.77 -37.68
CA LYS A 290 -22.78 -27.01 -37.35
C LYS A 290 -21.80 -28.14 -37.11
N LYS A 291 -20.77 -28.25 -37.96
CA LYS A 291 -19.81 -29.34 -37.93
C LYS A 291 -18.50 -28.83 -38.51
N ILE A 292 -17.39 -29.36 -37.99
CA ILE A 292 -16.07 -28.92 -38.46
C ILE A 292 -15.72 -29.84 -39.64
N ASP A 293 -16.26 -29.49 -40.80
CA ASP A 293 -15.92 -30.15 -42.05
C ASP A 293 -14.91 -29.32 -42.83
N THR A 294 -14.52 -29.83 -44.00
CA THR A 294 -13.51 -29.15 -44.81
C THR A 294 -13.97 -27.77 -45.24
N SER A 295 -15.28 -27.57 -45.42
CA SER A 295 -15.79 -26.25 -45.71
C SER A 295 -15.68 -25.33 -44.49
N ALA A 296 -15.84 -25.88 -43.29
CA ALA A 296 -15.66 -25.09 -42.08
C ALA A 296 -14.20 -24.79 -41.82
N LEU A 297 -13.32 -25.73 -42.15
CA LEU A 297 -11.89 -25.54 -41.88
C LEU A 297 -11.30 -24.41 -42.71
N LYS A 298 -11.67 -24.32 -43.99
CA LYS A 298 -11.14 -23.24 -44.81
C LYS A 298 -11.73 -21.89 -44.43
N SER A 299 -13.00 -21.88 -44.00
CA SER A 299 -13.58 -20.66 -43.46
C SER A 299 -12.83 -20.18 -42.22
N ILE A 300 -12.51 -21.10 -41.31
CA ILE A 300 -11.79 -20.72 -40.09
C ILE A 300 -10.40 -20.20 -40.42
N ARG A 301 -9.67 -20.92 -41.28
CA ARG A 301 -8.31 -20.54 -41.62
C ARG A 301 -8.27 -19.21 -42.35
N ASP A 302 -9.22 -18.98 -43.28
CA ASP A 302 -9.19 -17.75 -44.06
C ASP A 302 -9.64 -16.55 -43.24
N PHE A 303 -10.68 -16.71 -42.41
CA PHE A 303 -11.11 -15.62 -41.54
C PHE A 303 -9.98 -15.17 -40.61
N CYS A 304 -9.41 -16.12 -39.86
CA CYS A 304 -8.45 -15.75 -38.83
C CYS A 304 -7.21 -15.10 -39.41
N ARG A 305 -6.83 -15.51 -40.62
CA ARG A 305 -5.59 -15.04 -41.22
C ARG A 305 -5.63 -13.53 -41.49
N ASN A 306 -6.82 -12.98 -41.74
CA ASN A 306 -6.97 -11.56 -41.98
C ASN A 306 -7.63 -10.80 -40.83
N PHE A 307 -7.87 -11.45 -39.67
CA PHE A 307 -8.58 -10.81 -38.56
C PHE A 307 -7.58 -10.33 -37.53
N PRO A 308 -7.51 -9.03 -37.25
CA PRO A 308 -6.48 -8.52 -36.34
C PRO A 308 -6.74 -8.78 -34.87
N GLY A 309 -7.82 -9.47 -34.51
CA GLY A 309 -8.11 -9.73 -33.12
C GLY A 309 -8.14 -11.21 -32.81
N TYR A 310 -8.90 -11.59 -31.80
CA TYR A 310 -8.94 -12.94 -31.27
C TYR A 310 -10.26 -13.61 -31.67
N VAL A 311 -10.17 -14.90 -31.97
CA VAL A 311 -11.26 -15.65 -32.56
C VAL A 311 -11.58 -16.83 -31.66
N ARG A 312 -12.87 -17.08 -31.43
CA ARG A 312 -13.40 -18.28 -30.81
C ARG A 312 -14.21 -19.08 -31.84
N VAL A 313 -14.11 -20.40 -31.79
CA VAL A 313 -14.91 -21.27 -32.66
C VAL A 313 -15.82 -22.12 -31.79
N VAL A 314 -17.12 -22.09 -32.10
CA VAL A 314 -18.13 -22.89 -31.44
C VAL A 314 -18.75 -23.81 -32.49
N TYR A 315 -18.95 -25.09 -32.13
CA TYR A 315 -19.62 -26.02 -33.04
C TYR A 315 -20.39 -27.05 -32.23
N GLU A 316 -21.57 -27.44 -32.73
CA GLU A 316 -22.44 -28.36 -31.98
C GLU A 316 -22.02 -29.82 -32.13
N GLU A 317 -22.02 -30.33 -33.36
CA GLU A 317 -21.88 -31.77 -33.56
C GLU A 317 -20.43 -32.23 -33.53
N ASP A 318 -20.23 -33.41 -32.93
CA ASP A 318 -18.95 -34.11 -32.98
C ASP A 318 -18.44 -34.19 -34.42
N SER A 319 -17.14 -33.94 -34.58
CA SER A 319 -16.53 -33.91 -35.90
C SER A 319 -15.16 -34.58 -35.89
N GLY A 320 -14.98 -35.61 -35.07
CA GLY A 320 -13.73 -36.32 -34.99
C GLY A 320 -12.59 -35.48 -34.45
N ILE A 321 -11.38 -36.04 -34.57
CA ILE A 321 -10.20 -35.31 -34.13
C ILE A 321 -9.92 -34.16 -35.08
N LEU A 322 -9.92 -32.92 -34.53
CA LEU A 322 -9.61 -31.76 -35.35
C LEU A 322 -8.10 -31.65 -35.56
N PRO A 323 -7.68 -31.10 -36.69
CA PRO A 323 -6.25 -30.78 -36.85
C PRO A 323 -5.81 -29.71 -35.85
N ASP A 324 -4.50 -29.55 -35.74
CA ASP A 324 -3.91 -28.59 -34.80
C ASP A 324 -4.21 -27.19 -35.32
N LEU A 325 -5.45 -26.75 -35.09
CA LEU A 325 -5.91 -25.47 -35.59
C LEU A 325 -5.21 -24.32 -34.87
N MET A 326 -5.04 -24.46 -33.56
CA MET A 326 -4.46 -23.38 -32.76
C MET A 326 -2.95 -23.29 -32.98
N GLY A 327 -2.29 -24.42 -33.21
CA GLY A 327 -0.89 -24.37 -33.59
C GLY A 327 -0.68 -23.63 -34.90
N GLU A 328 -1.62 -23.83 -35.85
CA GLU A 328 -1.58 -23.16 -37.15
C GLU A 328 -1.91 -21.66 -37.03
N ILE A 329 -2.92 -21.34 -36.21
CA ILE A 329 -3.57 -20.03 -36.21
C ILE A 329 -3.28 -19.35 -34.89
N ASP A 330 -2.48 -18.28 -34.93
CA ASP A 330 -2.00 -17.68 -33.69
C ASP A 330 -3.11 -16.94 -32.94
N ASN A 331 -4.12 -16.44 -33.65
CA ASN A 331 -5.17 -15.66 -33.02
C ASN A 331 -6.45 -16.48 -32.79
N LEU A 332 -6.38 -17.82 -32.91
CA LEU A 332 -7.46 -18.70 -32.47
C LEU A 332 -7.23 -19.06 -31.02
N VAL A 333 -8.05 -18.53 -30.11
CA VAL A 333 -7.80 -18.68 -28.69
C VAL A 333 -8.72 -19.68 -28.04
N LYS A 334 -9.78 -20.13 -28.72
CA LYS A 334 -10.70 -21.02 -28.04
C LYS A 334 -11.51 -21.79 -29.07
N ILE A 335 -11.69 -23.09 -28.81
CA ILE A 335 -12.60 -23.94 -29.57
C ILE A 335 -13.49 -24.65 -28.56
N GLU A 336 -14.81 -24.44 -28.68
CA GLU A 336 -15.75 -25.06 -27.76
C GLU A 336 -17.11 -25.28 -28.42
N HIS B 11 11.72 24.32 5.33
CA HIS B 11 12.22 25.68 5.08
C HIS B 11 13.56 25.65 4.35
N HIS B 12 14.03 26.84 3.99
CA HIS B 12 15.35 27.05 3.40
C HIS B 12 16.06 28.11 4.22
N VAL B 13 17.19 27.78 4.82
CA VAL B 13 17.94 28.70 5.67
C VAL B 13 19.24 29.19 5.04
N ILE B 14 20.11 28.27 4.55
CA ILE B 14 20.01 26.82 4.46
C ILE B 14 20.35 26.07 5.77
N ASN B 15 21.01 26.74 6.72
CA ASN B 15 21.41 26.14 8.00
C ASN B 15 22.21 24.87 7.75
N LEU B 16 23.14 24.97 6.82
CA LEU B 16 23.88 23.83 6.33
C LEU B 16 25.04 23.42 7.23
N LYS B 17 25.03 23.83 8.48
CA LYS B 17 26.06 23.49 9.43
C LYS B 17 25.57 22.59 10.55
N GLU B 18 24.25 22.50 10.75
CA GLU B 18 23.69 21.69 11.82
C GLU B 18 22.54 20.83 11.29
N LEU B 19 22.37 19.67 11.91
CA LEU B 19 21.28 18.75 11.56
C LEU B 19 20.85 18.03 12.82
N LYS B 20 19.56 18.14 13.15
CA LYS B 20 18.96 17.43 14.28
C LYS B 20 18.19 16.23 13.76
N ILE B 21 18.50 15.07 14.31
CA ILE B 21 17.99 13.80 13.80
C ILE B 21 17.23 13.13 14.93
N LEU B 22 16.03 12.63 14.64
CA LEU B 22 15.42 11.61 15.45
C LEU B 22 15.57 10.29 14.71
N HIS B 23 16.12 9.29 15.39
CA HIS B 23 16.32 7.97 14.82
C HIS B 23 15.64 6.97 15.74
N THR B 24 14.64 6.26 15.21
CA THR B 24 13.95 5.24 15.99
C THR B 24 13.75 4.05 15.06
N SER B 25 13.53 2.88 15.66
CA SER B 25 13.57 1.66 14.89
C SER B 25 12.88 0.55 15.67
N ASP B 26 12.61 -0.55 14.95
CA ASP B 26 12.27 -1.83 15.57
C ASP B 26 11.02 -1.74 16.44
N TRP B 27 9.99 -1.07 15.91
CA TRP B 27 8.74 -0.87 16.65
C TRP B 27 8.00 -2.18 16.91
N HIS B 28 8.02 -3.10 15.95
CA HIS B 28 7.31 -4.37 16.08
C HIS B 28 5.81 -4.15 16.33
N LEU B 29 5.24 -3.19 15.61
CA LEU B 29 3.80 -2.94 15.69
C LEU B 29 3.02 -4.21 15.36
N GLY B 30 2.00 -4.48 16.18
CA GLY B 30 1.17 -5.65 16.01
C GLY B 30 1.52 -6.83 16.91
N VAL B 31 2.61 -6.75 17.68
CA VAL B 31 3.02 -7.93 18.47
C VAL B 31 2.04 -8.17 19.61
N THR B 32 1.61 -9.43 19.75
CA THR B 32 1.00 -9.94 20.98
C THR B 32 1.98 -10.98 21.55
N SER B 33 2.36 -10.80 22.81
CA SER B 33 3.38 -11.65 23.39
C SER B 33 2.78 -12.82 24.15
N TRP B 34 3.55 -13.90 24.23
CA TRP B 34 3.19 -15.07 25.03
C TRP B 34 1.84 -15.63 24.62
N THR B 35 1.63 -15.71 23.30
CA THR B 35 0.33 -16.19 22.80
C THR B 35 0.07 -17.65 23.20
N SER B 36 1.13 -18.43 23.42
CA SER B 36 0.95 -19.83 23.80
C SER B 36 0.72 -20.02 25.28
N SER B 37 0.91 -19.00 26.11
CA SER B 37 0.76 -19.15 27.55
C SER B 37 -0.25 -18.16 28.11
N ARG B 38 -0.03 -16.86 27.96
CA ARG B 38 -1.01 -15.84 28.34
C ARG B 38 -0.85 -14.66 27.40
N PRO B 39 -1.64 -14.60 26.33
CA PRO B 39 -1.45 -13.53 25.33
C PRO B 39 -1.58 -12.16 25.97
N VAL B 40 -0.59 -11.32 25.69
CA VAL B 40 -0.62 -9.93 26.12
C VAL B 40 -0.48 -9.08 24.87
N ASP B 41 -1.52 -8.29 24.58
CA ASP B 41 -1.47 -7.36 23.46
C ASP B 41 -0.64 -6.17 23.86
N ARG B 42 0.50 -5.95 23.17
CA ARG B 42 1.45 -4.92 23.54
C ARG B 42 1.12 -3.54 22.99
N ARG B 43 -0.01 -3.39 22.29
CA ARG B 43 -0.27 -2.16 21.52
C ARG B 43 -0.33 -0.93 22.42
N GLU B 44 -1.04 -1.00 23.54
CA GLU B 44 -1.20 0.17 24.40
C GLU B 44 0.16 0.65 24.93
N GLU B 45 0.97 -0.28 25.45
CA GLU B 45 2.32 0.11 25.87
C GLU B 45 3.12 0.68 24.71
N LEU B 46 3.04 0.04 23.54
CA LEU B 46 3.87 0.46 22.42
C LEU B 46 3.47 1.82 21.89
N LYS B 47 2.15 2.07 21.75
CA LYS B 47 1.70 3.38 21.32
C LYS B 47 2.07 4.45 22.34
N LYS B 48 2.07 4.12 23.63
CA LYS B 48 2.49 5.10 24.61
C LYS B 48 3.95 5.51 24.40
N ALA B 49 4.79 4.53 24.08
CA ALA B 49 6.18 4.84 23.80
C ALA B 49 6.33 5.62 22.51
N LEU B 50 5.57 5.26 21.48
CA LEU B 50 5.64 5.98 20.20
C LEU B 50 5.17 7.42 20.36
N ASP B 51 4.09 7.64 21.11
CA ASP B 51 3.65 9.02 21.38
C ASP B 51 4.74 9.81 22.08
N LYS B 52 5.42 9.18 23.05
CA LYS B 52 6.51 9.86 23.75
C LYS B 52 7.59 10.28 22.78
N VAL B 53 7.95 9.38 21.85
CA VAL B 53 8.99 9.68 20.88
C VAL B 53 8.55 10.80 19.94
N VAL B 54 7.30 10.74 19.48
CA VAL B 54 6.77 11.78 18.61
C VAL B 54 6.81 13.14 19.31
N GLU B 55 6.37 13.19 20.57
CA GLU B 55 6.32 14.48 21.25
C GLU B 55 7.72 15.04 21.48
N GLU B 56 8.67 14.17 21.82
CA GLU B 56 10.06 14.60 21.95
C GLU B 56 10.58 15.15 20.62
N ALA B 57 10.28 14.48 19.50
CA ALA B 57 10.73 14.96 18.19
C ALA B 57 10.17 16.35 17.90
N GLU B 58 8.89 16.57 18.20
CA GLU B 58 8.29 17.88 18.00
C GLU B 58 8.91 18.91 18.92
N LYS B 59 9.19 18.52 20.18
CA LYS B 59 9.74 19.46 21.14
C LYS B 59 11.16 19.89 20.77
N ARG B 60 11.99 18.96 20.29
CA ARG B 60 13.35 19.29 19.89
C ARG B 60 13.43 19.87 18.49
N GLU B 61 12.31 19.95 17.77
CA GLU B 61 12.25 20.50 16.42
C GLU B 61 13.29 19.86 15.51
N VAL B 62 13.22 18.53 15.42
CA VAL B 62 14.20 17.79 14.62
C VAL B 62 14.07 18.17 13.15
N ASP B 63 15.16 18.02 12.42
CA ASP B 63 15.17 18.30 10.99
C ASP B 63 14.86 17.08 10.15
N LEU B 64 15.12 15.89 10.67
CA LEU B 64 15.07 14.68 9.88
C LEU B 64 14.74 13.52 10.80
N ILE B 65 13.90 12.61 10.32
CA ILE B 65 13.50 11.44 11.08
C ILE B 65 13.90 10.21 10.29
N LEU B 66 14.65 9.30 10.91
CA LEU B 66 15.16 8.09 10.28
C LEU B 66 14.50 6.88 10.93
N LEU B 67 13.96 5.98 10.10
CA LEU B 67 13.36 4.74 10.56
C LEU B 67 14.11 3.58 9.92
N THR B 68 14.60 2.62 10.74
CA THR B 68 15.47 1.57 10.20
C THR B 68 14.93 0.15 10.38
N GLY B 69 13.62 -0.02 10.33
CA GLY B 69 13.09 -1.33 10.00
C GLY B 69 12.59 -2.12 11.19
N ASP B 70 12.02 -3.26 10.88
CA ASP B 70 11.25 -4.06 11.83
C ASP B 70 10.20 -3.20 12.54
N LEU B 71 9.56 -2.31 11.76
CA LEU B 71 8.46 -1.52 12.32
C LEU B 71 7.21 -2.37 12.54
N LEU B 72 7.11 -3.52 11.86
CA LEU B 72 5.98 -4.44 12.06
C LEU B 72 6.48 -5.75 12.63
N HIS B 73 5.73 -6.34 13.55
CA HIS B 73 6.19 -7.58 14.16
C HIS B 73 6.14 -8.74 13.18
N SER B 74 5.06 -8.85 12.42
CA SER B 74 4.88 -9.99 11.53
C SER B 74 5.56 -9.72 10.20
N ARG B 75 6.42 -10.65 9.77
CA ARG B 75 6.93 -10.58 8.40
C ARG B 75 5.85 -10.92 7.39
N ASN B 76 4.82 -11.67 7.80
CA ASN B 76 3.69 -12.01 6.94
C ASN B 76 2.73 -10.83 6.89
N ASN B 77 1.53 -11.06 6.36
CA ASN B 77 0.52 -10.02 6.29
C ASN B 77 0.22 -9.50 7.70
N PRO B 78 0.49 -8.22 7.99
CA PRO B 78 0.14 -7.68 9.30
C PRO B 78 -1.36 -7.50 9.44
N SER B 79 -1.79 -7.40 10.69
CA SER B 79 -3.17 -7.12 10.96
C SER B 79 -3.54 -5.72 10.45
N VAL B 80 -4.84 -5.53 10.23
CA VAL B 80 -5.33 -4.21 9.87
C VAL B 80 -4.96 -3.20 10.94
N VAL B 81 -5.08 -3.59 12.22
CA VAL B 81 -4.80 -2.61 13.27
C VAL B 81 -3.32 -2.25 13.30
N ALA B 82 -2.46 -3.23 13.04
CA ALA B 82 -1.03 -2.96 13.05
C ALA B 82 -0.63 -2.06 11.90
N LEU B 83 -1.15 -2.34 10.70
CA LEU B 83 -0.85 -1.51 9.54
C LEU B 83 -1.43 -0.11 9.71
N HIS B 84 -2.64 0.00 10.28
CA HIS B 84 -3.22 1.30 10.59
C HIS B 84 -2.31 2.10 11.52
N ASP B 85 -1.81 1.47 12.58
CA ASP B 85 -0.90 2.15 13.51
C ASP B 85 0.37 2.60 12.79
N LEU B 86 0.91 1.75 11.92
CA LEU B 86 2.15 2.11 11.24
C LEU B 86 1.95 3.35 10.36
N LEU B 87 0.92 3.32 9.51
CA LEU B 87 0.66 4.47 8.65
C LEU B 87 0.28 5.70 9.47
N ASP B 88 -0.39 5.50 10.61
CA ASP B 88 -0.72 6.62 11.49
C ASP B 88 0.55 7.32 11.99
N TYR B 89 1.49 6.56 12.53
CA TYR B 89 2.69 7.21 13.08
C TYR B 89 3.59 7.76 11.99
N LEU B 90 3.62 7.13 10.82
CA LEU B 90 4.33 7.72 9.69
C LEU B 90 3.79 9.10 9.39
N LYS B 91 2.46 9.24 9.35
CA LYS B 91 1.85 10.54 9.11
C LYS B 91 2.21 11.53 10.21
N ARG B 92 2.14 11.12 11.47
CA ARG B 92 2.48 12.02 12.57
C ARG B 92 3.93 12.47 12.46
N MET B 93 4.81 11.57 12.06
CA MET B 93 6.20 11.93 11.90
C MET B 93 6.40 12.84 10.69
N MET B 94 5.73 12.53 9.56
CA MET B 94 5.84 13.40 8.40
C MET B 94 5.40 14.82 8.70
N ARG B 95 4.41 14.99 9.58
CA ARG B 95 3.98 16.33 9.96
C ARG B 95 5.07 17.08 10.73
N THR B 96 5.96 16.36 11.39
CA THR B 96 7.02 16.99 12.18
C THR B 96 8.24 17.34 11.34
N ALA B 97 8.72 16.39 10.55
CA ALA B 97 9.91 16.58 9.74
C ALA B 97 9.91 15.53 8.65
N PRO B 98 10.68 15.74 7.58
CA PRO B 98 10.81 14.71 6.54
C PRO B 98 11.31 13.39 7.13
N VAL B 99 10.79 12.29 6.60
CA VAL B 99 11.06 10.95 7.10
C VAL B 99 11.74 10.14 6.00
N VAL B 100 12.76 9.38 6.38
CA VAL B 100 13.41 8.40 5.52
C VAL B 100 13.21 7.03 6.16
N VAL B 101 12.68 6.08 5.40
CA VAL B 101 12.34 4.77 5.93
C VAL B 101 13.18 3.73 5.22
N LEU B 102 13.96 2.97 6.01
CA LEU B 102 14.65 1.79 5.52
C LEU B 102 13.93 0.58 6.10
N PRO B 103 13.06 -0.10 5.32
CA PRO B 103 12.29 -1.22 5.89
C PRO B 103 13.16 -2.42 6.25
N GLY B 104 12.63 -3.24 7.16
CA GLY B 104 13.20 -4.54 7.43
C GLY B 104 12.88 -5.56 6.35
N ASN B 105 13.14 -6.82 6.68
CA ASN B 105 12.99 -7.90 5.70
C ASN B 105 11.55 -8.46 5.67
N HIS B 106 10.60 -7.60 5.30
CA HIS B 106 9.22 -8.03 5.26
C HIS B 106 8.95 -8.91 4.03
N ASP B 107 7.90 -9.74 4.12
CA ASP B 107 7.59 -10.64 3.01
C ASP B 107 6.75 -9.98 1.91
N TRP B 108 6.05 -8.89 2.20
CA TRP B 108 5.13 -8.32 1.21
C TRP B 108 5.85 -7.94 -0.09
N LYS B 109 5.52 -8.61 -1.18
CA LYS B 109 6.18 -8.33 -2.45
C LYS B 109 5.80 -6.95 -3.00
N GLY B 110 4.70 -6.37 -2.53
CA GLY B 110 4.33 -5.05 -2.96
C GLY B 110 4.99 -3.91 -2.20
N LEU B 111 5.85 -4.21 -1.21
CA LEU B 111 6.37 -3.12 -0.39
C LEU B 111 7.18 -2.14 -1.22
N LYS B 112 8.05 -2.66 -2.07
CA LYS B 112 8.87 -1.79 -2.91
C LYS B 112 8.00 -0.89 -3.78
N LEU B 113 6.89 -1.42 -4.27
CA LEU B 113 6.00 -0.61 -5.08
C LEU B 113 5.32 0.47 -4.25
N PHE B 114 4.81 0.09 -3.08
CA PHE B 114 4.23 1.07 -2.16
C PHE B 114 5.25 2.14 -1.83
N GLY B 115 6.46 1.71 -1.47
CA GLY B 115 7.51 2.66 -1.13
C GLY B 115 7.82 3.63 -2.26
N ASN B 116 7.96 3.11 -3.48
CA ASN B 116 8.19 3.99 -4.63
C ASN B 116 7.04 4.96 -4.82
N PHE B 117 5.82 4.47 -4.68
CA PHE B 117 4.68 5.31 -4.95
C PHE B 117 4.63 6.46 -3.94
N VAL B 118 4.74 6.15 -2.64
CA VAL B 118 4.58 7.23 -1.68
C VAL B 118 5.75 8.20 -1.73
N THR B 119 6.96 7.71 -2.02
CA THR B 119 8.11 8.59 -2.21
C THR B 119 7.88 9.57 -3.37
N SER B 120 7.24 9.10 -4.46
CA SER B 120 6.98 9.94 -5.63
C SER B 120 5.92 11.03 -5.37
N ILE B 121 4.95 10.77 -4.50
CA ILE B 121 3.82 11.69 -4.37
C ILE B 121 3.96 12.65 -3.19
N SER B 122 5.00 12.49 -2.37
CA SER B 122 5.20 13.33 -1.19
C SER B 122 6.67 13.66 -1.06
N SER B 123 6.96 14.93 -0.78
CA SER B 123 8.32 15.37 -0.50
C SER B 123 8.67 15.27 0.97
N ASP B 124 7.83 14.64 1.79
CA ASP B 124 8.12 14.55 3.20
C ASP B 124 8.41 13.12 3.64
N ILE B 125 8.43 12.16 2.73
CA ILE B 125 8.81 10.80 3.06
C ILE B 125 9.58 10.20 1.89
N THR B 126 10.56 9.37 2.22
CA THR B 126 11.40 8.70 1.24
C THR B 126 11.60 7.28 1.72
N PHE B 127 11.31 6.32 0.87
CA PHE B 127 11.59 4.92 1.15
C PHE B 127 12.88 4.53 0.44
N VAL B 128 13.84 4.00 1.19
CA VAL B 128 15.05 3.47 0.61
C VAL B 128 14.98 1.95 0.72
N MET B 129 14.97 1.27 -0.42
CA MET B 129 14.80 -0.17 -0.39
C MET B 129 15.78 -0.87 -1.33
N SER B 130 16.89 -0.22 -1.64
CA SER B 130 17.93 -0.81 -2.46
C SER B 130 19.25 -0.22 -1.98
N PHE B 131 20.34 -0.57 -2.66
CA PHE B 131 21.64 -0.02 -2.31
C PHE B 131 21.92 1.30 -3.01
N GLU B 132 20.95 1.88 -3.65
CA GLU B 132 21.17 3.12 -4.38
C GLU B 132 21.12 4.32 -3.43
N PRO B 133 22.12 5.20 -3.45
CA PRO B 133 22.04 6.39 -2.60
C PRO B 133 20.95 7.34 -3.06
N VAL B 134 20.37 8.04 -2.10
CA VAL B 134 19.28 8.97 -2.36
C VAL B 134 19.58 10.27 -1.66
N ASP B 135 19.47 11.39 -2.38
CA ASP B 135 19.64 12.71 -1.81
C ASP B 135 18.30 13.26 -1.38
N VAL B 136 18.18 13.64 -0.12
CA VAL B 136 16.95 14.19 0.45
C VAL B 136 17.28 15.53 1.09
N GLU B 137 16.22 16.29 1.38
CA GLU B 137 16.33 17.62 1.95
C GLU B 137 15.67 17.59 3.33
N ALA B 138 16.38 18.12 4.34
CA ALA B 138 15.87 18.12 5.70
C ALA B 138 14.94 19.31 5.94
N LYS B 139 14.43 19.42 7.16
CA LYS B 139 13.37 20.39 7.44
C LYS B 139 13.83 21.81 7.20
N ARG B 140 15.10 22.10 7.48
CA ARG B 140 15.62 23.45 7.30
C ARG B 140 16.47 23.55 6.05
N GLY B 141 16.26 22.67 5.08
CA GLY B 141 16.93 22.76 3.80
C GLY B 141 18.24 22.01 3.69
N GLN B 142 18.73 21.40 4.78
CA GLN B 142 20.00 20.66 4.72
C GLN B 142 19.90 19.52 3.70
N LYS B 143 20.93 19.37 2.87
CA LYS B 143 20.93 18.32 1.87
C LYS B 143 21.65 17.12 2.47
N VAL B 144 20.97 15.97 2.49
CA VAL B 144 21.47 14.78 3.18
C VAL B 144 21.54 13.66 2.16
N ARG B 145 22.74 13.13 1.96
CA ARG B 145 22.92 11.98 1.09
C ARG B 145 22.70 10.72 1.92
N ILE B 146 21.65 9.96 1.62
CA ILE B 146 21.35 8.72 2.33
C ILE B 146 22.09 7.58 1.63
N LEU B 147 22.84 6.78 2.41
CA LEU B 147 23.53 5.60 1.90
C LEU B 147 22.89 4.36 2.51
N PRO B 148 21.99 3.67 1.79
CA PRO B 148 21.18 2.61 2.41
C PRO B 148 21.72 1.21 2.23
N PHE B 149 21.46 0.36 3.22
CA PHE B 149 21.94 -1.02 3.20
C PHE B 149 20.87 -1.92 3.78
N PRO B 150 19.89 -2.29 2.99
CA PRO B 150 18.82 -3.15 3.48
C PRO B 150 19.30 -4.60 3.47
N TYR B 151 18.46 -5.49 3.98
CA TYR B 151 18.69 -6.91 3.79
C TYR B 151 18.79 -7.19 2.30
N PRO B 152 19.78 -7.95 1.85
CA PRO B 152 19.91 -8.24 0.42
C PRO B 152 18.60 -8.77 -0.14
N ASP B 153 18.23 -8.33 -1.34
CA ASP B 153 16.87 -8.56 -1.84
C ASP B 153 16.65 -10.02 -2.19
N GLU B 154 16.79 -10.88 -1.20
CA GLU B 154 16.93 -12.32 -1.44
C GLU B 154 18.00 -12.64 -2.45
N SER B 155 18.75 -11.62 -2.90
CA SER B 155 20.14 -11.82 -3.27
C SER B 155 20.86 -12.57 -2.15
N GLU B 156 20.37 -12.43 -0.91
CA GLU B 156 20.76 -13.31 0.19
C GLU B 156 20.36 -14.77 -0.08
N ALA B 157 19.16 -15.03 -0.62
CA ALA B 157 18.85 -16.42 -0.97
C ALA B 157 19.75 -16.88 -2.09
N LEU B 158 20.16 -15.93 -2.93
CA LEU B 158 21.11 -16.18 -4.00
C LEU B 158 22.49 -16.34 -3.35
N ARG B 159 22.55 -17.24 -2.37
CA ARG B 159 23.75 -17.49 -1.56
C ARG B 159 24.23 -18.89 -1.84
N LYS B 160 25.20 -19.03 -2.74
CA LYS B 160 25.80 -20.35 -2.89
C LYS B 160 26.96 -20.53 -1.92
N ASN B 161 27.87 -19.56 -1.85
CA ASN B 161 29.06 -19.66 -1.02
C ASN B 161 29.08 -18.50 -0.04
N GLU B 162 29.50 -18.78 1.19
CA GLU B 162 29.70 -17.72 2.19
C GLU B 162 30.74 -16.70 1.70
N GLY B 163 31.75 -17.17 0.98
CA GLY B 163 32.77 -16.26 0.49
C GLY B 163 32.25 -15.31 -0.58
N ASP B 164 31.50 -15.84 -1.55
CA ASP B 164 30.95 -14.99 -2.61
C ASP B 164 29.92 -14.02 -2.05
N PHE B 165 29.13 -14.45 -1.08
CA PHE B 165 28.12 -13.57 -0.51
C PHE B 165 28.74 -12.42 0.26
N ARG B 166 29.77 -12.71 1.08
CA ARG B 166 30.42 -11.62 1.81
C ARG B 166 31.11 -10.66 0.86
N PHE B 167 31.68 -11.15 -0.23
CA PHE B 167 32.27 -10.24 -1.20
C PHE B 167 31.21 -9.34 -1.84
N PHE B 168 30.03 -9.89 -2.13
CA PHE B 168 28.95 -9.04 -2.62
C PHE B 168 28.61 -7.93 -1.62
N LEU B 169 28.44 -8.31 -0.36
CA LEU B 169 28.09 -7.35 0.69
C LEU B 169 29.18 -6.30 0.84
N GLU B 170 30.44 -6.71 0.76
CA GLU B 170 31.52 -5.74 0.95
C GLU B 170 31.62 -4.79 -0.24
N SER B 171 31.36 -5.27 -1.45
CA SER B 171 31.39 -4.41 -2.61
C SER B 171 30.29 -3.35 -2.53
N ARG B 172 29.11 -3.72 -2.00
CA ARG B 172 28.08 -2.70 -1.81
C ARG B 172 28.52 -1.66 -0.79
N LEU B 173 29.18 -2.09 0.29
CA LEU B 173 29.68 -1.13 1.28
C LEU B 173 30.73 -0.21 0.66
N ASN B 174 31.61 -0.77 -0.18
CA ASN B 174 32.61 0.03 -0.87
C ASN B 174 31.96 1.07 -1.79
N LYS B 175 30.90 0.67 -2.49
CA LYS B 175 30.18 1.59 -3.36
C LYS B 175 29.55 2.72 -2.55
N LEU B 176 28.92 2.38 -1.43
CA LEU B 176 28.35 3.41 -0.57
C LEU B 176 29.42 4.35 -0.03
N TYR B 177 30.63 3.82 0.22
CA TYR B 177 31.73 4.68 0.65
C TYR B 177 32.03 5.73 -0.39
N GLU B 178 32.19 5.30 -1.66
CA GLU B 178 32.51 6.22 -2.74
C GLU B 178 31.41 7.26 -2.91
N GLU B 179 30.14 6.81 -2.90
CA GLU B 179 29.02 7.72 -3.03
C GLU B 179 28.98 8.70 -1.87
N ALA B 180 29.37 8.24 -0.67
CA ALA B 180 29.40 9.14 0.47
C ALA B 180 30.39 10.27 0.26
N LEU B 181 31.43 10.04 -0.54
CA LEU B 181 32.41 11.10 -0.85
C LEU B 181 31.80 12.19 -1.70
N LYS B 182 30.82 11.86 -2.56
CA LYS B 182 30.12 12.84 -3.37
C LYS B 182 29.14 13.67 -2.58
N LYS B 183 29.27 13.65 -1.24
CA LYS B 183 28.42 14.40 -0.32
C LYS B 183 28.35 15.87 -0.69
N GLU B 184 27.29 16.53 -0.27
CA GLU B 184 27.23 17.98 -0.27
C GLU B 184 27.34 18.53 1.14
N ASP B 185 26.37 18.21 2.00
CA ASP B 185 26.33 18.67 3.37
C ASP B 185 26.55 17.54 4.38
N PHE B 186 25.62 16.58 4.41
CA PHE B 186 25.67 15.46 5.33
C PHE B 186 25.49 14.17 4.56
N ALA B 187 26.13 13.11 5.04
CA ALA B 187 25.96 11.77 4.49
C ALA B 187 25.58 10.87 5.63
N ILE B 188 24.50 10.12 5.47
CA ILE B 188 23.98 9.27 6.55
C ILE B 188 23.79 7.88 6.01
N PHE B 189 24.48 6.92 6.63
CA PHE B 189 24.29 5.50 6.37
C PHE B 189 23.07 4.99 7.12
N MET B 190 22.26 4.18 6.47
CA MET B 190 21.16 3.48 7.13
C MET B 190 21.29 2.00 6.81
N GLY B 191 21.37 1.16 7.83
CA GLY B 191 21.54 -0.26 7.64
C GLY B 191 20.59 -1.06 8.49
N HIS B 192 20.17 -2.20 7.96
CA HIS B 192 19.31 -3.15 8.67
C HIS B 192 20.05 -4.48 8.64
N PHE B 193 20.82 -4.76 9.68
CA PHE B 193 21.61 -5.99 9.75
C PHE B 193 22.15 -6.12 11.17
N THR B 194 22.93 -7.18 11.40
CA THR B 194 23.53 -7.49 12.69
C THR B 194 25.03 -7.22 12.60
N VAL B 195 25.52 -6.32 13.45
CA VAL B 195 26.95 -6.05 13.54
C VAL B 195 27.66 -7.28 14.09
N GLU B 196 28.81 -7.59 13.52
CA GLU B 196 29.55 -8.78 13.92
C GLU B 196 30.02 -8.68 15.36
N GLY B 197 29.91 -9.79 16.08
CA GLY B 197 30.42 -9.88 17.43
C GLY B 197 29.72 -8.95 18.40
N LEU B 198 28.41 -8.81 18.26
CA LEU B 198 27.67 -7.92 19.16
C LEU B 198 27.74 -8.44 20.57
N ALA B 199 28.26 -7.63 21.48
CA ALA B 199 28.42 -8.00 22.87
C ALA B 199 27.08 -8.43 23.46
N GLY B 200 26.94 -9.72 23.73
CA GLY B 200 25.76 -10.23 24.39
C GLY B 200 24.50 -10.28 23.56
N TYR B 201 24.61 -10.65 22.29
CA TYR B 201 23.46 -10.81 21.42
C TYR B 201 23.17 -12.30 21.25
N ALA B 202 21.92 -12.69 21.54
CA ALA B 202 21.54 -14.11 21.48
C ALA B 202 21.67 -14.68 20.07
N GLY B 203 21.31 -13.89 19.05
CA GLY B 203 21.40 -14.32 17.67
C GLY B 203 20.26 -15.16 17.13
N ILE B 204 19.35 -15.64 17.98
CA ILE B 204 18.24 -16.51 17.54
C ILE B 204 18.82 -17.70 16.77
N GLU B 205 19.97 -18.20 17.25
CA GLU B 205 20.77 -19.21 16.57
C GLU B 205 21.13 -18.77 15.17
N GLN B 206 21.10 -17.47 14.93
CA GLN B 206 21.53 -16.89 13.67
C GLN B 206 20.87 -17.56 12.46
N GLY B 207 19.55 -17.65 12.50
CA GLY B 207 18.94 -18.17 11.30
C GLY B 207 18.69 -17.04 10.33
N ARG B 208 19.40 -17.05 9.19
CA ARG B 208 19.16 -16.12 8.09
C ARG B 208 19.58 -14.68 8.43
N GLU B 209 20.56 -14.50 9.31
CA GLU B 209 21.01 -13.16 9.64
C GLU B 209 22.11 -12.69 8.70
N ILE B 210 22.19 -11.37 8.53
CA ILE B 210 23.26 -10.72 7.78
C ILE B 210 24.23 -10.10 8.77
N ILE B 211 25.48 -10.55 8.77
CA ILE B 211 26.46 -10.03 9.70
C ILE B 211 27.47 -9.16 8.98
N ILE B 212 27.67 -7.96 9.49
CA ILE B 212 28.58 -6.99 8.91
C ILE B 212 29.58 -6.56 9.97
N ASN B 213 30.86 -6.57 9.61
CA ASN B 213 31.89 -6.02 10.48
C ASN B 213 31.72 -4.51 10.55
N ARG B 214 31.67 -3.98 11.76
CA ARG B 214 31.39 -2.56 11.94
C ARG B 214 32.47 -1.69 11.28
N ALA B 215 33.69 -2.21 11.15
CA ALA B 215 34.76 -1.44 10.52
C ALA B 215 34.51 -1.24 9.04
N LEU B 216 33.63 -2.04 8.44
CA LEU B 216 33.30 -1.88 7.04
C LEU B 216 32.18 -0.86 6.82
N ILE B 217 31.56 -0.37 7.88
CA ILE B 217 30.62 0.74 7.68
C ILE B 217 31.41 1.97 7.23
N PRO B 218 31.01 2.63 6.13
CA PRO B 218 31.84 3.72 5.57
C PRO B 218 32.18 4.79 6.59
N SER B 219 33.48 4.98 6.83
CA SER B 219 33.93 5.86 7.89
C SER B 219 33.68 7.33 7.58
N VAL B 220 33.39 7.68 6.33
CA VAL B 220 33.21 9.07 5.94
C VAL B 220 31.78 9.57 6.09
N VAL B 221 30.86 8.76 6.64
CA VAL B 221 29.50 9.25 6.87
C VAL B 221 29.44 9.99 8.19
N ASP B 222 28.52 10.94 8.29
CA ASP B 222 28.38 11.70 9.52
C ASP B 222 27.65 10.90 10.59
N TYR B 223 26.88 9.89 10.22
CA TYR B 223 26.12 9.09 11.16
C TYR B 223 25.71 7.81 10.46
N ALA B 224 25.77 6.69 11.17
CA ALA B 224 25.34 5.38 10.65
C ALA B 224 24.17 4.91 11.52
N ALA B 225 22.96 4.99 10.98
CA ALA B 225 21.74 4.60 11.67
C ALA B 225 21.44 3.14 11.35
N LEU B 226 21.50 2.28 12.36
CA LEU B 226 21.24 0.87 12.20
C LEU B 226 19.93 0.49 12.90
N GLY B 227 19.27 -0.52 12.33
CA GLY B 227 18.13 -1.15 12.96
C GLY B 227 18.26 -2.67 12.87
N HIS B 228 17.41 -3.37 13.63
CA HIS B 228 17.17 -4.83 13.64
C HIS B 228 17.50 -5.43 15.01
N ILE B 229 18.33 -4.76 15.80
CA ILE B 229 18.72 -5.23 17.13
C ILE B 229 17.81 -4.56 18.15
N HIS B 230 17.34 -5.33 19.14
CA HIS B 230 16.29 -4.88 20.05
C HIS B 230 16.80 -4.03 21.20
N SER B 231 18.12 -3.93 21.40
CA SER B 231 18.64 -3.14 22.49
C SER B 231 19.40 -1.94 21.93
N PHE B 232 19.35 -0.84 22.67
CA PHE B 232 20.17 0.32 22.33
C PHE B 232 21.64 -0.10 22.36
N ARG B 233 22.38 0.29 21.32
CA ARG B 233 23.82 -0.03 21.25
C ARG B 233 24.53 1.13 20.59
N GLU B 234 25.51 1.71 21.26
CA GLU B 234 26.48 2.58 20.58
C GLU B 234 27.58 1.66 20.07
N ILE B 235 27.57 1.40 18.76
CA ILE B 235 28.46 0.41 18.17
C ILE B 235 29.89 0.96 18.11
N GLN B 236 30.04 2.24 17.81
CA GLN B 236 31.36 2.86 17.71
C GLN B 236 31.12 4.35 17.62
N LYS B 237 32.20 5.11 17.74
CA LYS B 237 32.11 6.57 17.80
C LYS B 237 32.51 7.26 16.51
N GLN B 238 33.26 6.60 15.64
CA GLN B 238 33.77 7.21 14.41
C GLN B 238 33.71 6.18 13.29
N PRO B 239 32.67 6.24 12.44
CA PRO B 239 31.57 7.19 12.52
C PRO B 239 30.56 6.75 13.59
N LEU B 240 29.90 7.70 14.24
CA LEU B 240 28.89 7.39 15.24
C LEU B 240 27.87 6.41 14.67
N THR B 241 27.77 5.23 15.29
CA THR B 241 26.96 4.15 14.78
C THR B 241 26.07 3.63 15.90
N ILE B 242 24.75 3.67 15.71
CA ILE B 242 23.82 3.44 16.82
C ILE B 242 22.70 2.50 16.39
N TYR B 243 22.40 1.50 17.21
CA TYR B 243 21.07 0.89 17.18
C TYR B 243 20.23 1.58 18.25
N PRO B 244 19.07 2.15 17.93
CA PRO B 244 18.25 2.75 18.99
C PRO B 244 17.68 1.73 19.95
N GLY B 245 17.43 0.50 19.49
CA GLY B 245 16.68 -0.47 20.24
C GLY B 245 15.21 -0.43 19.88
N SER B 246 14.48 -1.43 20.38
CA SER B 246 13.02 -1.44 20.30
C SER B 246 12.44 -0.53 21.39
N LEU B 247 11.12 -0.36 21.36
CA LEU B 247 10.46 0.53 22.30
C LEU B 247 9.86 -0.20 23.49
N ILE B 248 9.70 -1.51 23.39
CA ILE B 248 9.16 -2.32 24.48
C ILE B 248 10.06 -3.53 24.65
N ARG B 249 9.94 -4.18 25.80
CA ARG B 249 10.64 -5.44 26.01
C ARG B 249 9.79 -6.56 25.43
N ILE B 250 10.22 -7.09 24.29
CA ILE B 250 9.35 -7.95 23.48
C ILE B 250 9.19 -9.32 24.14
N ASP B 251 10.27 -9.87 24.69
CA ASP B 251 10.21 -11.17 25.31
C ASP B 251 11.30 -11.25 26.36
N PHE B 252 11.20 -12.27 27.21
CA PHE B 252 12.23 -12.47 28.21
C PHE B 252 13.55 -12.75 27.51
N GLY B 253 14.63 -12.24 28.11
CA GLY B 253 15.89 -12.07 27.43
C GLY B 253 16.22 -10.62 27.22
N GLU B 254 15.20 -9.75 27.16
CA GLU B 254 15.38 -8.32 27.00
C GLU B 254 15.21 -7.56 28.32
N GLU B 255 15.40 -8.25 29.45
CA GLU B 255 15.16 -7.61 30.75
C GLU B 255 16.07 -6.43 30.98
N ALA B 256 17.34 -6.53 30.55
CA ALA B 256 18.37 -5.57 30.88
C ALA B 256 18.66 -4.57 29.78
N ASP B 257 18.07 -4.75 28.61
CA ASP B 257 18.20 -3.82 27.50
C ASP B 257 17.80 -2.41 27.89
N GLU B 258 18.43 -1.43 27.25
CA GLU B 258 17.86 -0.09 27.16
C GLU B 258 16.96 0.00 25.94
N LYS B 259 15.77 0.59 26.11
CA LYS B 259 14.74 0.70 25.08
C LYS B 259 14.39 2.16 24.84
N GLY B 260 14.35 2.56 23.59
CA GLY B 260 13.91 3.90 23.28
C GLY B 260 14.33 4.30 21.87
N ALA B 261 14.49 5.61 21.69
CA ALA B 261 14.98 6.16 20.42
C ALA B 261 16.23 6.99 20.73
N VAL B 262 16.76 7.67 19.73
CA VAL B 262 17.94 8.50 19.94
C VAL B 262 17.75 9.83 19.21
N PHE B 263 18.19 10.91 19.84
CA PHE B 263 18.24 12.22 19.23
C PHE B 263 19.70 12.51 18.93
N VAL B 264 20.01 12.78 17.67
CA VAL B 264 21.39 12.98 17.24
C VAL B 264 21.51 14.38 16.67
N GLU B 265 22.58 15.07 17.04
CA GLU B 265 22.85 16.40 16.51
C GLU B 265 24.18 16.38 15.79
N LEU B 266 24.16 16.73 14.51
CA LEU B 266 25.36 16.79 13.67
C LEU B 266 25.70 18.25 13.38
N LYS B 267 26.99 18.57 13.46
CA LYS B 267 27.48 19.89 13.06
C LYS B 267 28.78 19.68 12.32
N ARG B 268 28.84 20.19 11.09
CA ARG B 268 30.01 19.99 10.26
C ARG B 268 31.24 20.59 10.95
N GLY B 269 32.35 19.86 10.87
CA GLY B 269 33.55 20.28 11.56
C GLY B 269 33.50 20.09 13.05
N GLU B 270 32.51 19.38 13.56
CA GLU B 270 32.31 19.09 14.97
C GLU B 270 32.02 17.60 15.13
N PRO B 271 32.39 17.02 16.28
CA PRO B 271 32.00 15.64 16.53
C PRO B 271 30.51 15.53 16.76
N PRO B 272 29.89 14.42 16.35
CA PRO B 272 28.44 14.28 16.57
C PRO B 272 28.11 14.06 18.04
N ARG B 273 26.95 14.56 18.45
CA ARG B 273 26.44 14.37 19.79
CA ARG B 273 26.45 14.33 19.79
C ARG B 273 25.07 13.71 19.72
N TYR B 274 24.69 13.01 20.79
CA TYR B 274 23.38 12.39 20.82
C TYR B 274 22.91 12.25 22.27
N GLU B 275 21.59 12.16 22.43
CA GLU B 275 20.94 11.82 23.68
C GLU B 275 19.98 10.66 23.44
N ARG B 276 19.85 9.76 24.40
CA ARG B 276 18.82 8.74 24.29
C ARG B 276 17.46 9.33 24.68
N ILE B 277 16.42 8.89 24.00
CA ILE B 277 15.04 9.19 24.36
C ILE B 277 14.48 7.88 24.91
N ASP B 278 14.50 7.72 26.23
CA ASP B 278 14.15 6.44 26.82
C ASP B 278 12.64 6.21 26.72
N ALA B 279 12.25 4.96 26.45
CA ALA B 279 10.83 4.61 26.26
C ALA B 279 10.09 4.33 27.56
N SER B 280 10.80 4.24 28.69
CA SER B 280 10.22 3.86 29.97
C SER B 280 9.40 2.57 29.82
N PRO B 281 10.00 1.50 29.29
CA PRO B 281 9.22 0.30 29.01
C PRO B 281 8.79 -0.39 30.29
N LEU B 282 7.73 -1.19 30.18
CA LEU B 282 7.38 -2.05 31.29
C LEU B 282 8.49 -3.08 31.51
N PRO B 283 8.80 -3.44 32.74
CA PRO B 283 9.89 -4.39 32.99
C PRO B 283 9.45 -5.84 32.81
N LEU B 284 10.46 -6.69 32.60
CA LEU B 284 10.27 -8.14 32.60
C LEU B 284 11.12 -8.75 33.71
N LYS B 285 10.63 -9.84 34.27
CA LYS B 285 11.37 -10.54 35.32
C LYS B 285 11.12 -12.04 35.18
N THR B 286 12.20 -12.81 35.26
CA THR B 286 12.13 -14.26 35.39
C THR B 286 12.45 -14.68 36.82
N LEU B 287 11.54 -15.40 37.45
CA LEU B 287 11.74 -15.91 38.79
C LEU B 287 12.12 -17.39 38.73
N TYR B 288 13.15 -17.76 39.49
CA TYR B 288 13.68 -19.11 39.52
C TYR B 288 13.49 -19.70 40.91
N TYR B 289 13.02 -20.94 40.96
CA TYR B 289 12.83 -21.66 42.21
C TYR B 289 13.25 -23.10 41.97
N LYS B 290 13.80 -23.74 43.01
CA LYS B 290 14.07 -25.16 42.87
C LYS B 290 12.78 -25.95 42.82
N LYS B 291 11.81 -25.59 43.66
CA LYS B 291 10.56 -26.33 43.76
C LYS B 291 9.46 -25.37 44.16
N ILE B 292 8.25 -25.64 43.65
CA ILE B 292 7.10 -24.78 43.91
C ILE B 292 6.42 -25.30 45.18
N ASP B 293 6.91 -24.85 46.33
CA ASP B 293 6.26 -25.11 47.60
C ASP B 293 5.43 -23.89 47.99
N THR B 294 4.72 -24.01 49.12
CA THR B 294 3.83 -22.92 49.53
C THR B 294 4.61 -21.64 49.83
N SER B 295 5.86 -21.76 50.28
CA SER B 295 6.69 -20.57 50.47
C SER B 295 7.10 -19.96 49.14
N ALA B 296 7.31 -20.79 48.11
CA ALA B 296 7.63 -20.24 46.79
C ALA B 296 6.42 -19.58 46.15
N LEU B 297 5.23 -20.12 46.39
CA LEU B 297 4.02 -19.53 45.80
C LEU B 297 3.75 -18.14 46.39
N LYS B 298 3.92 -17.98 47.70
CA LYS B 298 3.69 -16.66 48.30
C LYS B 298 4.75 -15.67 47.85
N SER B 299 5.98 -16.14 47.63
CA SER B 299 6.99 -15.28 47.03
C SER B 299 6.55 -14.84 45.63
N ILE B 300 6.03 -15.78 44.84
CA ILE B 300 5.57 -15.46 43.49
C ILE B 300 4.41 -14.49 43.55
N ARG B 301 3.42 -14.78 44.42
CA ARG B 301 2.23 -13.95 44.49
C ARG B 301 2.57 -12.54 44.96
N ASP B 302 3.46 -12.43 45.95
CA ASP B 302 3.80 -11.13 46.51
C ASP B 302 4.67 -10.32 45.55
N PHE B 303 5.60 -10.98 44.86
CA PHE B 303 6.40 -10.30 43.85
C PHE B 303 5.50 -9.69 42.78
N CYS B 304 4.61 -10.50 42.20
CA CYS B 304 3.79 -10.01 41.09
C CYS B 304 2.87 -8.88 41.52
N ARG B 305 2.41 -8.88 42.79
CA ARG B 305 1.48 -7.85 43.25
C ARG B 305 2.12 -6.47 43.21
N ASN B 306 3.43 -6.38 43.41
CA ASN B 306 4.07 -5.07 43.40
C ASN B 306 4.89 -4.82 42.15
N PHE B 307 4.88 -5.74 41.18
CA PHE B 307 5.72 -5.58 40.00
C PHE B 307 4.90 -5.01 38.86
N PRO B 308 5.27 -3.86 38.31
CA PRO B 308 4.44 -3.23 37.27
C PRO B 308 4.57 -3.84 35.88
N GLY B 309 5.36 -4.91 35.71
CA GLY B 309 5.51 -5.53 34.41
C GLY B 309 5.11 -6.98 34.38
N TYR B 310 5.71 -7.76 33.49
CA TYR B 310 5.29 -9.13 33.25
C TYR B 310 6.34 -10.09 33.79
N VAL B 311 5.87 -11.20 34.35
CA VAL B 311 6.69 -12.11 35.11
C VAL B 311 6.67 -13.50 34.47
N ARG B 312 7.84 -14.13 34.41
CA ARG B 312 7.96 -15.53 34.03
C ARG B 312 8.49 -16.31 35.22
N VAL B 313 7.95 -17.51 35.42
CA VAL B 313 8.40 -18.39 36.48
C VAL B 313 9.02 -19.62 35.84
N VAL B 314 10.26 -19.91 36.21
CA VAL B 314 10.97 -21.09 35.76
C VAL B 314 11.34 -21.92 36.97
N TYR B 315 11.17 -23.24 36.87
CA TYR B 315 11.55 -24.13 37.95
C TYR B 315 12.04 -25.46 37.39
N GLU B 316 13.10 -25.99 38.00
CA GLU B 316 13.71 -27.23 37.54
C GLU B 316 12.95 -28.44 38.04
N GLU B 317 12.75 -28.54 39.35
CA GLU B 317 12.26 -29.76 39.98
C GLU B 317 10.75 -29.89 39.79
N ASP B 318 10.32 -31.11 39.48
CA ASP B 318 8.89 -31.44 39.44
C ASP B 318 8.22 -31.02 40.75
N SER B 319 7.01 -30.45 40.62
CA SER B 319 6.29 -29.96 41.78
C SER B 319 4.80 -30.30 41.69
N GLY B 320 4.47 -31.45 41.09
CA GLY B 320 3.08 -31.86 40.95
C GLY B 320 2.28 -30.91 40.08
N ILE B 321 0.96 -31.10 40.11
CA ILE B 321 0.07 -30.19 39.42
C ILE B 321 0.10 -28.86 40.16
N LEU B 322 0.27 -27.78 39.40
CA LEU B 322 0.46 -26.49 40.02
C LEU B 322 -0.84 -25.97 40.61
N PRO B 323 -0.77 -25.19 41.69
CA PRO B 323 -1.95 -24.43 42.11
C PRO B 323 -2.26 -23.45 41.00
N ASP B 324 -3.43 -22.82 41.05
CA ASP B 324 -3.74 -21.94 39.94
C ASP B 324 -2.78 -20.74 40.00
N LEU B 325 -1.56 -20.96 39.51
CA LEU B 325 -0.53 -19.92 39.58
C LEU B 325 -0.84 -18.76 38.65
N MET B 326 -1.10 -19.05 37.37
CA MET B 326 -1.29 -17.95 36.43
C MET B 326 -2.69 -17.37 36.44
N GLY B 327 -3.72 -18.23 36.46
CA GLY B 327 -5.08 -17.73 36.50
C GLY B 327 -5.29 -16.81 37.67
N GLU B 328 -4.57 -17.06 38.75
CA GLU B 328 -4.60 -16.19 39.91
C GLU B 328 -3.98 -14.84 39.59
N ILE B 329 -2.87 -14.81 38.86
CA ILE B 329 -1.99 -13.64 38.80
C ILE B 329 -1.96 -13.07 37.38
N ASP B 330 -2.47 -11.85 37.22
CA ASP B 330 -2.72 -11.33 35.87
C ASP B 330 -1.44 -11.00 35.12
N ASN B 331 -0.35 -10.66 35.83
CA ASN B 331 0.89 -10.30 35.16
C ASN B 331 1.94 -11.41 35.23
N LEU B 332 1.54 -12.63 35.59
CA LEU B 332 2.37 -13.81 35.42
C LEU B 332 1.98 -14.42 34.08
N VAL B 333 2.88 -14.31 33.09
CA VAL B 333 2.55 -14.62 31.71
C VAL B 333 3.14 -15.92 31.20
N LYS B 334 4.04 -16.56 31.94
CA LYS B 334 4.68 -17.77 31.42
C LYS B 334 5.23 -18.59 32.57
N ILE B 335 4.98 -19.90 32.50
CA ILE B 335 5.57 -20.90 33.39
C ILE B 335 6.22 -21.97 32.52
N GLU B 336 7.51 -22.21 32.73
CA GLU B 336 8.21 -23.22 31.95
C GLU B 336 9.35 -23.84 32.74
#